data_1NPP
#
_entry.id   1NPP
#
_cell.length_a   87.07
_cell.length_b   55.86
_cell.length_c   112.610
_cell.angle_alpha   90.00
_cell.angle_beta   90.39
_cell.angle_gamma   90.00
#
_symmetry.space_group_name_H-M   'P 1 21 1'
#
loop_
_entity.id
_entity.type
_entity.pdbx_description
1 polymer 'Transcription antitermination protein nusG'
2 non-polymer 'ISOPROPYL ALCOHOL'
3 water water
#
_entity_poly.entity_id   1
_entity_poly.type   'polypeptide(L)'
_entity_poly.pdbx_seq_one_letter_code
;MSEQQVQELEKKWYALQVEPGKENEAKENLLKVLELEGLKDLVDEVIVPAEEKVVIRAQGKEKYRLSLKGNARDISVLGK
KGVTTFRIENGEVKVVESVEGDTCVNAPPISKPGQKITCKENKTEAKIVLDNKIFPGYILIKAHMNDKLLMAIEKTPHVF
RPVMVGGKPVPLKEEEVQNILNQIKRGVKPSKVEFEKGDQVRVIEGPFMNFTGTVEEVHPEKRKLTVMISIFGRMTPVEL
DFDQVEKI
;
_entity_poly.pdbx_strand_id   A,B,C,D
#
loop_
_chem_comp.id
_chem_comp.type
_chem_comp.name
_chem_comp.formula
IPA non-polymer 'ISOPROPYL ALCOHOL' 'C3 H8 O'
#
# COMPACT_ATOMS: atom_id res chain seq x y z
N GLN A 5 -27.29 -27.77 33.32
CA GLN A 5 -26.66 -26.98 32.23
C GLN A 5 -25.21 -26.64 32.57
N VAL A 6 -24.28 -27.48 32.13
CA VAL A 6 -22.86 -27.29 32.44
C VAL A 6 -22.04 -26.36 31.56
N GLN A 7 -21.58 -25.27 32.15
CA GLN A 7 -20.74 -24.30 31.46
C GLN A 7 -19.35 -24.50 32.07
N GLU A 8 -18.37 -24.81 31.24
CA GLU A 8 -17.03 -25.01 31.74
C GLU A 8 -16.27 -23.70 31.72
N LEU A 9 -15.43 -23.48 32.74
CA LEU A 9 -14.62 -22.28 32.79
C LEU A 9 -13.52 -22.51 31.75
N GLU A 10 -13.24 -21.48 30.98
CA GLU A 10 -12.21 -21.60 29.96
C GLU A 10 -10.79 -21.53 30.52
N LYS A 11 -9.92 -22.40 30.05
CA LYS A 11 -8.52 -22.41 30.47
C LYS A 11 -7.82 -21.55 29.46
N LYS A 12 -6.70 -20.93 29.82
CA LYS A 12 -6.00 -20.07 28.88
C LYS A 12 -4.56 -20.57 28.67
N TRP A 13 -3.92 -20.05 27.64
CA TRP A 13 -2.55 -20.42 27.34
C TRP A 13 -1.55 -19.50 28.06
N TYR A 14 -0.50 -20.10 28.56
CA TYR A 14 0.56 -19.34 29.21
C TYR A 14 1.90 -19.88 28.69
N ALA A 15 2.93 -19.05 28.73
CA ALA A 15 4.25 -19.47 28.31
C ALA A 15 5.11 -19.52 29.61
N LEU A 16 5.78 -20.66 29.82
CA LEU A 16 6.66 -20.86 30.98
C LEU A 16 8.12 -20.79 30.54
N GLN A 17 8.90 -19.94 31.19
CA GLN A 17 10.32 -19.83 30.91
C GLN A 17 10.92 -20.96 31.70
N VAL A 18 11.80 -21.71 31.07
CA VAL A 18 12.42 -22.83 31.72
C VAL A 18 13.88 -22.81 31.35
N GLU A 19 14.68 -23.60 32.07
CA GLU A 19 16.10 -23.70 31.80
C GLU A 19 16.33 -24.17 30.38
N PRO A 20 17.06 -23.37 29.59
CA PRO A 20 17.38 -23.71 28.21
C PRO A 20 18.11 -25.05 28.14
N GLY A 21 17.68 -25.93 27.24
CA GLY A 21 18.29 -27.23 27.14
C GLY A 21 17.54 -28.28 27.92
N LYS A 22 16.74 -27.84 28.90
CA LYS A 22 15.97 -28.76 29.74
C LYS A 22 14.44 -28.69 29.55
N GLU A 23 13.99 -28.29 28.36
CA GLU A 23 12.56 -28.16 28.09
C GLU A 23 11.78 -29.46 28.26
N ASN A 24 12.37 -30.56 27.86
CA ASN A 24 11.70 -31.85 28.00
C ASN A 24 11.56 -32.30 29.43
N GLU A 25 12.63 -32.12 30.20
CA GLU A 25 12.62 -32.48 31.61
C GLU A 25 11.68 -31.54 32.38
N ALA A 26 11.67 -30.27 31.99
CA ALA A 26 10.80 -29.30 32.65
C ALA A 26 9.38 -29.80 32.54
N LYS A 27 8.98 -30.18 31.34
CA LYS A 27 7.64 -30.70 31.13
C LYS A 27 7.35 -31.97 31.90
N GLU A 28 8.26 -32.94 31.88
CA GLU A 28 8.01 -34.16 32.63
C GLU A 28 7.96 -33.87 34.11
N ASN A 29 8.75 -32.91 34.56
CA ASN A 29 8.76 -32.60 35.99
C ASN A 29 7.48 -31.91 36.41
N LEU A 30 6.95 -31.09 35.52
CA LEU A 30 5.70 -30.39 35.77
C LEU A 30 4.54 -31.38 35.88
N LEU A 31 4.52 -32.37 35.00
CA LEU A 31 3.44 -33.35 35.05
C LEU A 31 3.50 -34.11 36.39
N LYS A 32 4.70 -34.37 36.90
CA LYS A 32 4.81 -35.07 38.18
C LYS A 32 4.27 -34.20 39.31
N VAL A 33 4.60 -32.91 39.26
CA VAL A 33 4.12 -31.93 40.24
C VAL A 33 2.60 -31.86 40.19
N LEU A 34 2.02 -31.79 38.99
CA LEU A 34 0.57 -31.72 38.90
C LEU A 34 -0.01 -32.98 39.53
N GLU A 35 0.66 -34.12 39.32
CA GLU A 35 0.20 -35.40 39.88
C GLU A 35 0.26 -35.36 41.40
N LEU A 36 1.41 -35.00 41.99
CA LEU A 36 1.53 -34.94 43.46
C LEU A 36 0.70 -33.85 44.15
N GLU A 37 0.58 -32.70 43.51
CA GLU A 37 -0.16 -31.63 44.13
C GLU A 37 -1.64 -31.70 43.88
N GLY A 38 -2.07 -32.72 43.13
CA GLY A 38 -3.47 -32.86 42.82
C GLY A 38 -4.06 -31.70 42.01
N LEU A 39 -3.33 -31.27 40.97
CA LEU A 39 -3.75 -30.15 40.14
C LEU A 39 -3.98 -30.49 38.65
N LYS A 40 -4.04 -31.78 38.31
CA LYS A 40 -4.19 -32.20 36.92
C LYS A 40 -5.42 -31.61 36.25
N ASP A 41 -6.47 -31.42 37.03
CA ASP A 41 -7.73 -30.92 36.49
C ASP A 41 -7.60 -29.47 36.06
N LEU A 42 -6.60 -28.75 36.53
CA LEU A 42 -6.43 -27.34 36.16
C LEU A 42 -5.64 -27.14 34.89
N VAL A 43 -5.08 -28.21 34.36
CA VAL A 43 -4.25 -28.12 33.18
C VAL A 43 -4.70 -29.05 32.05
N ASP A 44 -5.00 -28.50 30.88
CA ASP A 44 -5.41 -29.34 29.76
C ASP A 44 -4.25 -29.75 28.86
N GLU A 45 -3.20 -28.93 28.77
CA GLU A 45 -2.10 -29.27 27.87
C GLU A 45 -0.78 -28.76 28.39
N VAL A 46 0.30 -29.49 28.15
CA VAL A 46 1.66 -29.07 28.43
C VAL A 46 2.35 -29.38 27.13
N ILE A 47 2.79 -28.36 26.41
CA ILE A 47 3.40 -28.52 25.10
C ILE A 47 4.78 -27.90 24.94
N VAL A 48 5.68 -28.63 24.30
CA VAL A 48 7.01 -28.11 24.02
C VAL A 48 6.96 -27.63 22.57
N PRO A 49 7.13 -26.32 22.32
CA PRO A 49 7.10 -25.74 20.98
C PRO A 49 8.36 -26.08 20.19
N ALA A 50 8.51 -27.34 19.84
CA ALA A 50 9.71 -27.80 19.13
C ALA A 50 9.38 -28.62 17.92
N GLU A 51 10.34 -28.71 17.01
CA GLU A 51 10.18 -29.51 15.81
C GLU A 51 10.49 -30.98 16.12
N GLU A 52 9.73 -31.88 15.51
CA GLU A 52 9.95 -33.32 15.70
C GLU A 52 10.94 -33.80 14.64
N LYS A 53 11.94 -34.56 15.06
CA LYS A 53 12.95 -35.04 14.13
C LYS A 53 13.22 -36.50 14.33
N VAL A 54 13.82 -37.13 13.31
CA VAL A 54 14.17 -38.53 13.39
C VAL A 54 15.69 -38.60 13.44
N VAL A 55 16.17 -39.30 14.45
CA VAL A 55 17.58 -39.47 14.65
C VAL A 55 17.84 -40.91 14.23
N ILE A 56 18.77 -41.09 13.29
CA ILE A 56 19.10 -42.43 12.81
C ILE A 56 20.48 -42.77 13.30
N ARG A 57 20.59 -43.95 13.93
CA ARG A 57 21.84 -44.42 14.49
C ARG A 57 22.24 -45.81 14.05
N ALA A 58 23.54 -45.97 13.88
CA ALA A 58 24.16 -47.22 13.49
C ALA A 58 25.20 -47.46 14.56
N GLN A 59 25.02 -48.57 15.28
CA GLN A 59 25.92 -48.99 16.36
C GLN A 59 26.21 -47.88 17.37
N GLY A 60 25.16 -47.33 17.97
CA GLY A 60 25.31 -46.26 18.94
C GLY A 60 26.04 -45.03 18.44
N LYS A 61 25.82 -44.66 17.19
CA LYS A 61 26.48 -43.49 16.61
C LYS A 61 25.50 -42.76 15.67
N GLU A 62 25.19 -41.51 16.00
CA GLU A 62 24.26 -40.73 15.19
C GLU A 62 24.72 -40.47 13.78
N LYS A 63 23.93 -40.94 12.82
CA LYS A 63 24.29 -40.73 11.41
C LYS A 63 23.42 -39.64 10.76
N TYR A 64 22.19 -39.47 11.24
CA TYR A 64 21.32 -38.46 10.65
C TYR A 64 20.37 -37.90 11.69
N ARG A 65 19.97 -36.65 11.48
CA ARG A 65 19.01 -35.97 12.34
C ARG A 65 18.15 -35.20 11.34
N LEU A 66 17.02 -35.79 10.97
CA LEU A 66 16.16 -35.16 9.97
C LEU A 66 14.78 -34.81 10.45
N SER A 67 14.17 -33.87 9.73
CA SER A 67 12.84 -33.41 10.01
C SER A 67 11.82 -34.50 9.72
N LEU A 68 10.89 -34.72 10.64
CA LEU A 68 9.84 -35.73 10.48
C LEU A 68 8.83 -35.40 9.36
N LYS A 69 8.50 -34.11 9.23
CA LYS A 69 7.57 -33.69 8.20
C LYS A 69 8.41 -33.49 6.95
N GLY A 70 7.81 -33.62 5.78
CA GLY A 70 8.59 -33.44 4.56
C GLY A 70 8.28 -34.46 3.50
N ASN A 71 8.95 -34.37 2.35
CA ASN A 71 8.75 -35.32 1.26
C ASN A 71 9.24 -36.68 1.70
N ALA A 72 8.70 -37.73 1.09
CA ALA A 72 9.09 -39.07 1.43
C ALA A 72 10.57 -39.23 1.11
N ARG A 73 11.30 -39.83 2.04
CA ARG A 73 12.73 -40.03 1.88
C ARG A 73 13.13 -41.41 2.40
N ASP A 74 14.09 -42.03 1.75
CA ASP A 74 14.61 -43.32 2.20
C ASP A 74 16.04 -43.01 2.67
N ILE A 75 16.49 -43.69 3.70
CA ILE A 75 17.83 -43.42 4.18
C ILE A 75 18.44 -44.76 4.54
N SER A 76 19.59 -45.03 3.96
CA SER A 76 20.29 -46.28 4.20
C SER A 76 21.56 -46.03 5.01
N VAL A 77 21.77 -46.81 6.05
CA VAL A 77 22.97 -46.69 6.88
C VAL A 77 23.62 -48.07 7.04
N LEU A 78 24.95 -48.10 7.17
CA LEU A 78 25.72 -49.32 7.39
C LEU A 78 25.75 -49.59 8.88
N GLY A 79 25.47 -50.83 9.25
CA GLY A 79 25.48 -51.17 10.65
C GLY A 79 26.46 -52.28 10.89
N LYS A 80 26.16 -53.16 11.83
CA LYS A 80 27.06 -54.24 12.14
C LYS A 80 27.20 -55.30 11.04
N LYS A 81 26.10 -55.65 10.37
CA LYS A 81 26.17 -56.70 9.35
C LYS A 81 25.78 -56.34 7.94
N GLY A 82 25.21 -55.16 7.73
CA GLY A 82 24.82 -54.76 6.39
C GLY A 82 24.06 -53.43 6.39
N VAL A 83 23.08 -53.32 5.48
CA VAL A 83 22.29 -52.10 5.36
C VAL A 83 20.86 -52.16 5.93
N THR A 84 20.46 -51.08 6.52
CA THR A 84 19.12 -50.91 7.05
C THR A 84 18.65 -49.67 6.33
N THR A 85 17.53 -49.77 5.67
CA THR A 85 17.02 -48.62 4.98
C THR A 85 15.77 -48.23 5.73
N PHE A 86 15.68 -46.94 6.10
CA PHE A 86 14.54 -46.38 6.80
C PHE A 86 13.76 -45.51 5.84
N ARG A 87 12.46 -45.43 6.03
CA ARG A 87 11.65 -44.56 5.18
C ARG A 87 10.86 -43.57 6.06
N ILE A 88 10.92 -42.31 5.67
CA ILE A 88 10.21 -41.24 6.36
C ILE A 88 9.25 -40.65 5.33
N GLU A 89 7.95 -40.82 5.56
CA GLU A 89 6.95 -40.29 4.64
C GLU A 89 5.66 -40.04 5.39
N ASN A 90 4.93 -38.99 5.00
CA ASN A 90 3.66 -38.64 5.65
C ASN A 90 3.79 -38.62 7.17
N GLY A 91 4.80 -37.91 7.65
CA GLY A 91 5.02 -37.79 9.08
C GLY A 91 5.28 -39.02 9.89
N GLU A 92 5.68 -40.13 9.25
CA GLU A 92 6.03 -41.34 10.02
C GLU A 92 7.32 -42.01 9.53
N VAL A 93 7.91 -42.84 10.38
CA VAL A 93 9.12 -43.53 10.04
C VAL A 93 8.94 -45.03 10.17
N LYS A 94 9.50 -45.81 9.24
CA LYS A 94 9.43 -47.26 9.35
C LYS A 94 10.67 -47.84 8.69
N VAL A 95 10.90 -49.14 8.85
CA VAL A 95 12.04 -49.81 8.25
C VAL A 95 11.56 -50.52 6.98
N VAL A 96 12.20 -50.23 5.86
CA VAL A 96 11.79 -50.88 4.63
C VAL A 96 12.66 -52.10 4.32
N GLU A 97 13.87 -52.15 4.86
CA GLU A 97 14.71 -53.29 4.58
C GLU A 97 15.84 -53.32 5.57
N SER A 98 16.24 -54.52 5.98
CA SER A 98 17.38 -54.65 6.88
C SER A 98 18.00 -56.02 6.58
N VAL A 99 18.92 -56.44 7.43
CA VAL A 99 19.61 -57.66 7.22
C VAL A 99 18.73 -58.85 7.56
N GLU A 100 19.11 -60.02 7.07
CA GLU A 100 18.34 -61.21 7.34
C GLU A 100 18.32 -61.41 8.86
N GLY A 101 17.14 -61.63 9.41
CA GLY A 101 17.05 -61.82 10.85
C GLY A 101 16.43 -60.64 11.57
N ASP A 102 16.52 -59.45 10.96
CA ASP A 102 15.96 -58.23 11.55
C ASP A 102 14.44 -58.10 11.39
N THR A 103 13.71 -58.42 12.45
CA THR A 103 12.28 -58.34 12.41
C THR A 103 11.79 -56.91 12.49
N CYS A 104 12.73 -55.96 12.63
CA CYS A 104 12.33 -54.57 12.72
C CYS A 104 11.56 -54.16 11.46
N VAL A 105 11.76 -54.90 10.37
CA VAL A 105 11.04 -54.60 9.13
C VAL A 105 9.53 -54.76 9.37
N ASN A 106 9.16 -55.55 10.38
CA ASN A 106 7.73 -55.72 10.69
C ASN A 106 7.19 -54.71 11.70
N ALA A 107 8.05 -53.85 12.26
CA ALA A 107 7.59 -52.86 13.24
C ALA A 107 6.69 -51.81 12.62
N PRO A 108 5.59 -51.50 13.30
CA PRO A 108 4.66 -50.50 12.77
C PRO A 108 5.34 -49.15 12.73
N PRO A 109 4.90 -48.27 11.82
CA PRO A 109 5.42 -46.92 11.62
C PRO A 109 5.28 -46.08 12.88
N ILE A 110 6.31 -45.30 13.21
CA ILE A 110 6.26 -44.43 14.38
C ILE A 110 6.11 -42.99 13.92
N SER A 111 5.55 -42.16 14.79
CA SER A 111 5.34 -40.74 14.48
C SER A 111 5.30 -39.83 15.71
N LYS A 112 5.64 -40.37 16.88
CA LYS A 112 5.60 -39.58 18.11
C LYS A 112 6.91 -39.50 18.88
N PRO A 113 7.23 -38.30 19.37
CA PRO A 113 8.45 -38.10 20.14
C PRO A 113 8.51 -39.22 21.14
N GLY A 114 9.69 -39.82 21.29
CA GLY A 114 9.84 -40.92 22.22
C GLY A 114 9.75 -42.30 21.59
N GLN A 115 9.01 -42.46 20.48
CA GLN A 115 8.94 -43.77 19.83
C GLN A 115 10.27 -44.10 19.10
N LYS A 116 10.45 -45.36 18.74
CA LYS A 116 11.66 -45.74 18.02
C LYS A 116 11.60 -47.18 17.53
N ILE A 117 12.32 -47.46 16.46
CA ILE A 117 12.34 -48.82 15.94
C ILE A 117 13.77 -49.25 16.06
N THR A 118 13.99 -50.40 16.68
CA THR A 118 15.35 -50.88 16.83
C THR A 118 15.53 -52.14 16.01
N CYS A 119 16.64 -52.22 15.29
CA CYS A 119 16.97 -53.39 14.49
C CYS A 119 18.08 -54.09 15.26
N LYS A 120 17.70 -55.14 15.99
CA LYS A 120 18.63 -55.87 16.83
C LYS A 120 19.81 -56.49 16.09
N GLU A 121 19.55 -57.08 14.92
CA GLU A 121 20.61 -57.72 14.19
C GLU A 121 21.62 -56.77 13.59
N ASN A 122 21.16 -55.70 12.95
CA ASN A 122 22.13 -54.81 12.33
C ASN A 122 22.64 -53.73 13.28
N LYS A 123 22.02 -53.59 14.44
CA LYS A 123 22.41 -52.58 15.42
C LYS A 123 22.20 -51.17 14.91
N THR A 124 21.03 -50.94 14.32
CA THR A 124 20.67 -49.62 13.79
C THR A 124 19.32 -49.29 14.43
N GLU A 125 18.97 -48.00 14.43
CA GLU A 125 17.73 -47.56 15.05
C GLU A 125 17.32 -46.16 14.59
N ALA A 126 16.03 -45.87 14.72
CA ALA A 126 15.50 -44.56 14.35
C ALA A 126 14.64 -44.22 15.54
N LYS A 127 14.79 -42.98 16.02
CA LYS A 127 14.06 -42.52 17.19
C LYS A 127 13.56 -41.13 16.91
N ILE A 128 12.30 -40.87 17.22
CA ILE A 128 11.75 -39.55 17.01
C ILE A 128 12.04 -38.73 18.28
N VAL A 129 12.43 -37.48 18.07
CA VAL A 129 12.77 -36.61 19.18
C VAL A 129 12.34 -35.18 18.94
N LEU A 130 12.50 -34.36 19.98
CA LEU A 130 12.20 -32.93 19.93
C LEU A 130 13.52 -32.18 19.85
N ASP A 131 13.58 -31.19 18.98
CA ASP A 131 14.80 -30.41 18.76
C ASP A 131 14.98 -29.25 19.74
N ASN A 132 14.00 -28.37 19.81
CA ASN A 132 14.08 -27.22 20.71
C ASN A 132 15.13 -26.27 20.20
N LYS A 133 14.84 -25.63 19.08
CA LYS A 133 15.79 -24.70 18.49
C LYS A 133 15.09 -23.41 18.10
N ILE A 134 13.77 -23.47 17.99
CA ILE A 134 12.97 -22.30 17.59
C ILE A 134 12.72 -21.40 18.80
N PHE A 135 12.08 -21.94 19.83
CA PHE A 135 11.79 -21.19 21.03
C PHE A 135 12.47 -21.86 22.24
N PRO A 136 13.80 -21.99 22.22
CA PRO A 136 14.43 -22.63 23.38
C PRO A 136 14.10 -21.87 24.68
N GLY A 137 13.98 -22.60 25.78
CA GLY A 137 13.69 -21.98 27.06
C GLY A 137 12.22 -21.82 27.40
N TYR A 138 11.36 -22.48 26.60
CA TYR A 138 9.92 -22.39 26.81
C TYR A 138 9.12 -23.64 26.61
N ILE A 139 8.05 -23.74 27.39
CA ILE A 139 7.08 -24.79 27.22
C ILE A 139 5.77 -24.02 27.36
N LEU A 140 4.72 -24.51 26.71
CA LEU A 140 3.42 -23.84 26.76
C LEU A 140 2.42 -24.65 27.56
N ILE A 141 1.55 -23.95 28.31
CA ILE A 141 0.52 -24.66 29.04
C ILE A 141 -0.84 -24.05 28.87
N LYS A 142 -1.86 -24.89 28.85
CA LYS A 142 -3.21 -24.37 28.75
C LYS A 142 -3.79 -24.74 30.12
N ALA A 143 -4.12 -23.73 30.89
CA ALA A 143 -4.56 -23.99 32.24
C ALA A 143 -5.46 -22.93 32.81
N HIS A 144 -5.99 -23.30 33.98
CA HIS A 144 -6.75 -22.40 34.79
C HIS A 144 -5.74 -21.94 35.82
N MET A 145 -5.18 -20.74 35.64
CA MET A 145 -4.15 -20.21 36.53
C MET A 145 -4.65 -19.61 37.87
N ASN A 146 -4.14 -20.13 38.97
CA ASN A 146 -4.50 -19.55 40.26
C ASN A 146 -3.20 -19.57 41.12
N ASP A 147 -3.29 -19.00 42.31
CA ASP A 147 -2.11 -18.94 43.17
C ASP A 147 -1.48 -20.30 43.41
N LYS A 148 -2.28 -21.31 43.67
CA LYS A 148 -1.71 -22.61 43.92
C LYS A 148 -0.89 -23.16 42.73
N LEU A 149 -1.47 -23.04 41.52
CA LEU A 149 -0.81 -23.56 40.33
C LEU A 149 0.43 -22.74 40.01
N LEU A 150 0.34 -21.42 40.15
CA LEU A 150 1.46 -20.56 39.84
C LEU A 150 2.65 -20.94 40.73
N MET A 151 2.38 -21.25 42.00
CA MET A 151 3.45 -21.62 42.93
C MET A 151 3.96 -22.99 42.62
N ALA A 152 3.08 -23.95 42.32
CA ALA A 152 3.55 -25.27 41.95
C ALA A 152 4.47 -25.15 40.73
N ILE A 153 4.08 -24.31 39.77
CA ILE A 153 4.87 -24.12 38.54
C ILE A 153 6.28 -23.58 38.88
N GLU A 154 6.31 -22.50 39.65
CA GLU A 154 7.58 -21.87 40.03
C GLU A 154 8.50 -22.79 40.84
N LYS A 155 7.95 -23.76 41.56
CA LYS A 155 8.75 -24.66 42.36
C LYS A 155 9.05 -25.96 41.63
N THR A 156 8.70 -26.04 40.36
CA THR A 156 8.96 -27.24 39.58
C THR A 156 10.42 -27.19 39.13
N PRO A 157 11.15 -28.29 39.30
CA PRO A 157 12.55 -28.25 38.87
C PRO A 157 12.73 -28.00 37.36
N HIS A 158 13.61 -27.04 37.06
CA HIS A 158 13.94 -26.61 35.69
C HIS A 158 12.94 -25.60 35.10
N VAL A 159 11.98 -25.15 35.91
CA VAL A 159 11.01 -24.18 35.44
C VAL A 159 11.22 -22.91 36.20
N PHE A 160 11.30 -21.79 35.50
CA PHE A 160 11.43 -20.53 36.20
C PHE A 160 10.09 -19.95 36.64
N ARG A 161 9.26 -19.61 35.66
CA ARG A 161 7.98 -18.97 35.96
C ARG A 161 7.25 -18.68 34.63
N PRO A 162 5.96 -18.38 34.68
CA PRO A 162 5.27 -18.08 33.44
C PRO A 162 5.82 -16.72 33.04
N VAL A 163 5.70 -16.36 31.76
CA VAL A 163 6.05 -15.03 31.36
C VAL A 163 5.05 -14.16 32.06
N MET A 164 5.47 -13.07 32.67
CA MET A 164 4.51 -12.23 33.41
C MET A 164 4.53 -10.76 33.08
N VAL A 165 3.38 -10.12 33.25
CA VAL A 165 3.30 -8.68 33.05
C VAL A 165 2.56 -8.15 34.27
N GLY A 166 3.14 -7.12 34.90
CA GLY A 166 2.53 -6.55 36.09
C GLY A 166 2.27 -7.56 37.18
N GLY A 167 3.18 -8.50 37.37
CA GLY A 167 2.99 -9.51 38.40
C GLY A 167 1.92 -10.56 38.10
N LYS A 168 1.41 -10.60 36.89
CA LYS A 168 0.41 -11.61 36.55
C LYS A 168 0.90 -12.38 35.33
N PRO A 169 0.55 -13.73 35.35
CA PRO A 169 0.84 -14.57 34.20
C PRO A 169 0.26 -13.91 32.95
N VAL A 170 0.98 -13.78 31.87
CA VAL A 170 0.32 -13.21 30.70
C VAL A 170 -0.36 -14.27 29.84
N PRO A 171 -1.69 -14.19 29.67
CA PRO A 171 -2.29 -15.23 28.82
C PRO A 171 -1.98 -14.95 27.35
N LEU A 172 -1.81 -16.01 26.60
CA LEU A 172 -1.50 -15.88 25.19
C LEU A 172 -2.81 -16.00 24.41
N LYS A 173 -2.77 -15.77 23.12
CA LYS A 173 -3.98 -15.90 22.30
C LYS A 173 -4.02 -17.27 21.66
N GLU A 174 -5.15 -17.97 21.80
CA GLU A 174 -5.32 -19.29 21.23
C GLU A 174 -4.99 -19.36 19.71
N GLU A 175 -5.30 -18.30 18.96
CA GLU A 175 -5.01 -18.30 17.53
C GLU A 175 -3.50 -18.32 17.24
N GLU A 176 -2.76 -17.46 17.91
CA GLU A 176 -1.33 -17.37 17.68
C GLU A 176 -0.63 -18.64 18.15
N VAL A 177 -1.09 -19.18 19.28
CA VAL A 177 -0.49 -20.43 19.78
C VAL A 177 -0.68 -21.52 18.71
N GLN A 178 -1.92 -21.75 18.30
CA GLN A 178 -2.22 -22.77 17.29
C GLN A 178 -1.45 -22.55 15.99
N ASN A 179 -1.39 -21.31 15.51
CA ASN A 179 -0.65 -21.06 14.27
C ASN A 179 0.82 -21.36 14.42
N ILE A 180 1.42 -20.82 15.47
CA ILE A 180 2.85 -21.06 15.72
C ILE A 180 3.13 -22.56 15.89
N LEU A 181 2.30 -23.27 16.62
CA LEU A 181 2.51 -24.71 16.77
C LEU A 181 2.31 -25.37 15.40
N ASN A 182 1.30 -24.93 14.66
CA ASN A 182 1.06 -25.52 13.33
C ASN A 182 2.29 -25.33 12.45
N GLN A 183 2.80 -24.11 12.40
CA GLN A 183 3.94 -23.82 11.56
C GLN A 183 5.15 -24.64 11.95
N ILE A 184 5.40 -24.74 13.24
CA ILE A 184 6.54 -25.50 13.71
C ILE A 184 6.45 -26.99 13.41
N LYS A 185 5.29 -27.60 13.62
CA LYS A 185 5.16 -29.03 13.41
C LYS A 185 4.60 -29.52 12.05
N ARG A 186 3.86 -28.66 11.35
CA ARG A 186 3.27 -29.04 10.07
C ARG A 186 3.77 -28.21 8.90
N GLY A 187 4.36 -27.05 9.22
CA GLY A 187 4.85 -26.16 8.17
C GLY A 187 5.93 -26.74 7.27
N VAL A 188 5.97 -26.26 6.02
CA VAL A 188 6.96 -26.72 5.06
C VAL A 188 8.30 -26.07 5.39
N LYS A 189 9.36 -26.85 5.32
CA LYS A 189 10.72 -26.41 5.57
C LYS A 189 11.39 -26.46 4.19
N PRO A 190 11.59 -25.29 3.54
CA PRO A 190 12.22 -25.25 2.21
C PRO A 190 13.33 -26.27 1.97
N SER A 191 13.34 -26.81 0.74
CA SER A 191 14.33 -27.81 0.34
C SER A 191 15.77 -27.29 0.37
N LYS A 192 15.93 -25.97 0.23
CA LYS A 192 17.26 -25.34 0.23
C LYS A 192 17.21 -23.83 0.49
N VAL A 193 18.36 -23.26 0.83
CA VAL A 193 18.51 -21.83 1.11
C VAL A 193 18.27 -21.01 -0.17
N GLU A 194 17.64 -19.84 -0.02
CA GLU A 194 17.36 -18.99 -1.16
C GLU A 194 18.62 -18.37 -1.81
N PHE A 195 19.60 -18.00 -0.97
CA PHE A 195 20.83 -17.39 -1.45
C PHE A 195 22.10 -18.16 -1.11
N GLU A 196 22.97 -18.29 -2.11
CA GLU A 196 24.25 -18.98 -1.96
C GLU A 196 25.38 -17.96 -2.15
N LYS A 197 26.47 -18.14 -1.40
CA LYS A 197 27.61 -17.25 -1.52
C LYS A 197 27.99 -17.16 -3.00
N GLY A 198 28.27 -15.96 -3.48
CA GLY A 198 28.63 -15.83 -4.88
C GLY A 198 27.51 -15.30 -5.76
N ASP A 199 26.26 -15.38 -5.27
CA ASP A 199 25.12 -14.89 -6.04
C ASP A 199 25.15 -13.38 -6.24
N GLN A 200 24.80 -12.95 -7.44
CA GLN A 200 24.76 -11.53 -7.71
C GLN A 200 23.34 -11.06 -7.38
N VAL A 201 23.24 -9.90 -6.73
CA VAL A 201 21.95 -9.37 -6.34
C VAL A 201 21.78 -7.87 -6.52
N ARG A 202 20.55 -7.40 -6.37
CA ARG A 202 20.21 -5.99 -6.44
C ARG A 202 19.41 -5.68 -5.17
N VAL A 203 19.67 -4.55 -4.55
CA VAL A 203 18.97 -4.13 -3.35
C VAL A 203 17.64 -3.52 -3.80
N ILE A 204 16.56 -3.95 -3.16
CA ILE A 204 15.25 -3.46 -3.53
C ILE A 204 14.54 -2.78 -2.36
N GLU A 205 15.31 -2.38 -1.36
CA GLU A 205 14.75 -1.71 -0.20
C GLU A 205 15.83 -1.14 0.71
N GLY A 206 15.59 0.08 1.22
CA GLY A 206 16.55 0.68 2.11
C GLY A 206 17.44 1.73 1.47
N PRO A 207 18.41 2.28 2.21
CA PRO A 207 19.30 3.30 1.66
C PRO A 207 20.24 2.79 0.56
N PHE A 208 20.28 1.47 0.36
CA PHE A 208 21.15 0.92 -0.69
C PHE A 208 20.40 0.47 -1.92
N MET A 209 19.13 0.82 -1.99
CA MET A 209 18.28 0.45 -3.11
C MET A 209 18.89 0.77 -4.47
N ASN A 210 18.84 -0.20 -5.39
CA ASN A 210 19.35 -0.03 -6.75
C ASN A 210 20.84 -0.41 -6.88
N PHE A 211 21.55 -0.49 -5.75
CA PHE A 211 22.96 -0.92 -5.76
C PHE A 211 22.97 -2.42 -6.03
N THR A 212 23.99 -2.91 -6.72
CA THR A 212 24.09 -4.35 -6.99
C THR A 212 25.31 -4.80 -6.21
N GLY A 213 25.44 -6.10 -6.02
CA GLY A 213 26.56 -6.62 -5.28
C GLY A 213 26.59 -8.12 -5.33
N THR A 214 27.50 -8.70 -4.56
CA THR A 214 27.70 -10.14 -4.52
C THR A 214 27.57 -10.62 -3.10
N VAL A 215 26.88 -11.75 -2.95
CA VAL A 215 26.66 -12.32 -1.66
C VAL A 215 27.98 -12.82 -1.09
N GLU A 216 28.34 -12.30 0.07
CA GLU A 216 29.59 -12.68 0.71
C GLU A 216 29.33 -13.86 1.64
N GLU A 217 28.44 -13.63 2.60
CA GLU A 217 28.10 -14.67 3.56
C GLU A 217 26.59 -14.81 3.70
N VAL A 218 26.13 -16.06 3.70
CA VAL A 218 24.70 -16.34 3.84
C VAL A 218 24.41 -16.74 5.28
N HIS A 219 23.37 -16.17 5.87
CA HIS A 219 22.98 -16.48 7.26
C HIS A 219 21.53 -16.97 7.29
N PRO A 220 21.31 -18.22 6.90
CA PRO A 220 19.95 -18.78 6.90
C PRO A 220 19.31 -18.52 8.26
N GLU A 221 20.07 -18.84 9.29
CA GLU A 221 19.67 -18.67 10.69
C GLU A 221 18.79 -17.45 10.93
N LYS A 222 19.21 -16.31 10.39
CA LYS A 222 18.45 -15.08 10.59
C LYS A 222 17.93 -14.47 9.28
N ARG A 223 18.16 -15.19 8.17
CA ARG A 223 17.75 -14.72 6.85
C ARG A 223 18.39 -13.36 6.53
N LYS A 224 19.65 -13.24 6.90
CA LYS A 224 20.44 -12.03 6.67
C LYS A 224 21.54 -12.43 5.69
N LEU A 225 22.02 -11.47 4.92
CA LEU A 225 23.09 -11.71 3.95
C LEU A 225 24.19 -10.65 4.09
N THR A 226 25.42 -11.02 3.80
CA THR A 226 26.50 -10.05 3.82
C THR A 226 26.87 -9.90 2.36
N VAL A 227 26.53 -8.74 1.81
CA VAL A 227 26.81 -8.48 0.41
C VAL A 227 27.81 -7.36 0.14
N MET A 228 28.78 -7.70 -0.69
CA MET A 228 29.84 -6.83 -1.11
C MET A 228 29.33 -5.86 -2.16
N ILE A 229 29.33 -4.60 -1.79
CA ILE A 229 28.86 -3.59 -2.70
C ILE A 229 29.92 -2.56 -2.95
N SER A 230 30.24 -2.33 -4.22
CA SER A 230 31.19 -1.30 -4.56
C SER A 230 30.61 0.10 -4.29
N ILE A 231 31.24 0.84 -3.37
CA ILE A 231 30.83 2.20 -3.00
C ILE A 231 32.09 3.06 -3.13
N PHE A 232 32.10 3.98 -4.11
CA PHE A 232 33.30 4.78 -4.41
C PHE A 232 34.46 3.82 -4.77
N GLY A 233 34.14 2.68 -5.37
CA GLY A 233 35.18 1.74 -5.77
C GLY A 233 35.72 0.87 -4.66
N ARG A 234 35.11 0.97 -3.49
CA ARG A 234 35.50 0.19 -2.33
C ARG A 234 34.47 -0.92 -2.08
N MET A 235 34.91 -2.17 -2.11
CA MET A 235 34.03 -3.30 -1.84
C MET A 235 33.67 -3.22 -0.39
N THR A 236 32.42 -2.83 -0.15
CA THR A 236 31.90 -2.60 1.17
C THR A 236 30.87 -3.63 1.60
N PRO A 237 31.13 -4.31 2.74
CA PRO A 237 30.24 -5.32 3.30
C PRO A 237 28.99 -4.64 3.85
N VAL A 238 27.84 -4.99 3.30
CA VAL A 238 26.58 -4.43 3.78
C VAL A 238 25.72 -5.59 4.24
N GLU A 239 25.05 -5.42 5.38
CA GLU A 239 24.17 -6.43 5.96
C GLU A 239 22.76 -6.14 5.50
N LEU A 240 22.19 -7.10 4.77
CA LEU A 240 20.86 -6.91 4.24
C LEU A 240 19.97 -8.09 4.60
N ASP A 241 18.67 -7.88 4.51
CA ASP A 241 17.71 -8.91 4.82
C ASP A 241 17.38 -9.65 3.52
N PHE A 242 17.14 -10.95 3.64
CA PHE A 242 16.77 -11.75 2.49
C PHE A 242 15.75 -11.04 1.61
N ASP A 243 14.78 -10.40 2.24
CA ASP A 243 13.72 -9.71 1.50
C ASP A 243 14.10 -8.32 1.02
N GLN A 244 15.33 -7.90 1.30
CA GLN A 244 15.80 -6.60 0.83
C GLN A 244 16.51 -6.70 -0.51
N VAL A 245 16.72 -7.93 -0.98
CA VAL A 245 17.42 -8.12 -2.25
C VAL A 245 16.70 -9.11 -3.12
N GLU A 246 17.12 -9.15 -4.38
CA GLU A 246 16.57 -10.06 -5.37
C GLU A 246 17.76 -10.51 -6.24
N LYS A 247 17.71 -11.74 -6.76
CA LYS A 247 18.78 -12.26 -7.61
C LYS A 247 18.67 -11.61 -8.98
N ILE A 248 19.82 -11.42 -9.63
CA ILE A 248 19.86 -10.81 -10.95
C ILE A 248 20.80 -11.59 -11.88
N GLU B 8 36.92 12.71 -28.07
CA GLU B 8 36.86 11.33 -28.63
C GLU B 8 37.19 10.31 -27.54
N LEU B 9 38.39 10.37 -26.95
CA LEU B 9 38.76 9.42 -25.88
C LEU B 9 37.82 9.58 -24.68
N GLU B 10 37.27 8.46 -24.21
CA GLU B 10 36.35 8.50 -23.08
C GLU B 10 37.02 8.69 -21.73
N LYS B 11 36.49 9.63 -20.95
CA LYS B 11 36.99 9.89 -19.62
C LYS B 11 36.16 8.98 -18.72
N LYS B 12 36.69 8.63 -17.55
CA LYS B 12 35.99 7.74 -16.65
C LYS B 12 35.84 8.37 -15.29
N TRP B 13 34.90 7.85 -14.50
CA TRP B 13 34.70 8.34 -13.18
C TRP B 13 35.69 7.71 -12.21
N TYR B 14 36.25 8.55 -11.35
CA TYR B 14 37.16 8.11 -10.31
C TYR B 14 36.69 8.70 -8.98
N ALA B 15 36.90 7.97 -7.88
CA ALA B 15 36.54 8.48 -6.57
C ALA B 15 37.81 8.97 -5.88
N LEU B 16 37.80 10.21 -5.38
CA LEU B 16 38.97 10.73 -4.70
C LEU B 16 38.74 10.79 -3.18
N GLN B 17 39.64 10.21 -2.42
CA GLN B 17 39.51 10.31 -0.98
C GLN B 17 40.07 11.67 -0.57
N VAL B 18 39.28 12.43 0.18
CA VAL B 18 39.70 13.73 0.62
C VAL B 18 39.45 13.88 2.11
N GLU B 19 39.99 14.95 2.66
CA GLU B 19 39.81 15.23 4.09
C GLU B 19 38.35 15.51 4.44
N PRO B 20 37.74 14.65 5.28
CA PRO B 20 36.34 14.84 5.66
C PRO B 20 36.12 16.22 6.27
N GLY B 21 35.10 16.93 5.77
CA GLY B 21 34.79 18.27 6.25
C GLY B 21 35.46 19.35 5.43
N LYS B 22 36.21 18.94 4.40
CA LYS B 22 36.92 19.88 3.55
C LYS B 22 36.70 19.55 2.07
N GLU B 23 35.66 18.78 1.80
CA GLU B 23 35.36 18.39 0.44
C GLU B 23 35.24 19.54 -0.56
N ASN B 24 34.51 20.62 -0.25
CA ASN B 24 34.43 21.70 -1.22
C ASN B 24 35.79 22.35 -1.46
N GLU B 25 36.56 22.53 -0.39
CA GLU B 25 37.91 23.11 -0.49
C GLU B 25 38.83 22.15 -1.27
N ALA B 26 38.63 20.84 -1.15
CA ALA B 26 39.46 19.92 -1.91
C ALA B 26 39.13 20.14 -3.39
N LYS B 27 37.85 20.25 -3.71
CA LYS B 27 37.46 20.46 -5.10
C LYS B 27 38.03 21.78 -5.64
N GLU B 28 37.95 22.83 -4.85
CA GLU B 28 38.46 24.13 -5.30
C GLU B 28 39.97 24.13 -5.50
N ASN B 29 40.68 23.47 -4.59
CA ASN B 29 42.13 23.37 -4.71
C ASN B 29 42.48 22.52 -5.95
N LEU B 30 41.71 21.47 -6.20
CA LEU B 30 41.97 20.62 -7.38
C LEU B 30 41.84 21.40 -8.69
N LEU B 31 40.78 22.20 -8.83
CA LEU B 31 40.61 22.97 -10.04
C LEU B 31 41.78 23.91 -10.24
N LYS B 32 42.27 24.50 -9.16
CA LYS B 32 43.40 25.40 -9.28
C LYS B 32 44.66 24.64 -9.71
N VAL B 33 44.93 23.51 -9.04
CA VAL B 33 46.11 22.69 -9.36
C VAL B 33 46.04 22.27 -10.82
N LEU B 34 44.84 21.91 -11.30
CA LEU B 34 44.69 21.50 -12.70
C LEU B 34 45.06 22.63 -13.68
N GLU B 35 44.72 23.86 -13.34
CA GLU B 35 45.06 24.97 -14.21
C GLU B 35 46.56 25.19 -14.14
N LEU B 36 47.10 25.19 -12.94
CA LEU B 36 48.51 25.36 -12.78
C LEU B 36 49.30 24.32 -13.55
N GLU B 37 48.89 23.07 -13.45
CA GLU B 37 49.60 21.99 -14.07
C GLU B 37 49.33 21.77 -15.56
N GLY B 38 48.41 22.56 -16.15
CA GLY B 38 48.11 22.40 -17.56
C GLY B 38 47.26 21.14 -17.83
N LEU B 39 46.48 20.71 -16.84
CA LEU B 39 45.70 19.49 -16.98
C LEU B 39 44.19 19.62 -17.14
N LYS B 40 43.70 20.84 -17.26
CA LYS B 40 42.27 21.03 -17.38
C LYS B 40 41.62 20.17 -18.46
N ASP B 41 42.28 19.99 -19.61
CA ASP B 41 41.73 19.22 -20.70
C ASP B 41 41.47 17.76 -20.38
N LEU B 42 42.10 17.25 -19.33
CA LEU B 42 41.92 15.85 -18.94
C LEU B 42 40.75 15.63 -17.99
N VAL B 43 40.12 16.71 -17.56
CA VAL B 43 39.04 16.57 -16.59
C VAL B 43 37.75 17.25 -16.98
N ASP B 44 36.68 16.49 -17.09
CA ASP B 44 35.41 17.10 -17.47
C ASP B 44 34.52 17.53 -16.33
N GLU B 45 34.62 16.87 -15.20
CA GLU B 45 33.81 17.22 -14.03
C GLU B 45 34.49 16.90 -12.72
N VAL B 46 34.17 17.69 -11.71
CA VAL B 46 34.67 17.49 -10.39
C VAL B 46 33.48 17.84 -9.54
N ILE B 47 32.92 16.83 -8.89
CA ILE B 47 31.73 16.92 -8.07
C ILE B 47 31.90 16.44 -6.61
N VAL B 48 31.20 17.10 -5.70
CA VAL B 48 31.19 16.71 -4.32
C VAL B 48 29.85 16.00 -4.14
N PRO B 49 29.86 14.72 -3.75
CA PRO B 49 28.59 14.01 -3.56
C PRO B 49 27.89 14.45 -2.26
N ALA B 50 27.44 15.69 -2.23
CA ALA B 50 26.80 16.25 -1.05
C ALA B 50 25.71 17.24 -1.48
N GLU B 51 24.68 17.40 -0.66
CA GLU B 51 23.58 18.32 -1.01
C GLU B 51 23.86 19.78 -0.61
N GLU B 52 23.44 20.71 -1.45
CA GLU B 52 23.64 22.11 -1.15
C GLU B 52 22.52 22.56 -0.22
N LYS B 53 22.92 23.09 0.94
CA LYS B 53 21.96 23.59 1.91
C LYS B 53 22.20 25.05 2.27
N VAL B 54 21.17 25.69 2.84
CA VAL B 54 21.24 27.08 3.31
C VAL B 54 21.19 27.08 4.84
N VAL B 55 22.24 27.62 5.47
CA VAL B 55 22.31 27.68 6.92
C VAL B 55 22.00 29.13 7.31
N ILE B 56 21.02 29.31 8.19
CA ILE B 56 20.64 30.64 8.62
C ILE B 56 20.98 30.75 10.09
N ARG B 57 21.68 31.81 10.48
CA ARG B 57 21.96 31.97 11.90
C ARG B 57 21.48 33.36 12.33
N ALA B 58 20.96 33.41 13.52
CA ALA B 58 20.55 34.64 14.11
C ALA B 58 21.56 34.79 15.22
N GLN B 59 22.69 35.32 14.80
CA GLN B 59 23.88 35.47 15.62
C GLN B 59 23.72 35.01 17.03
N GLY B 60 24.52 33.99 17.33
CA GLY B 60 24.50 33.34 18.62
C GLY B 60 24.40 31.87 18.26
N LYS B 61 23.54 31.56 17.28
CA LYS B 61 23.38 30.18 16.86
C LYS B 61 22.75 29.97 15.51
N GLU B 62 22.67 28.69 15.14
CA GLU B 62 22.12 28.28 13.87
C GLU B 62 20.63 28.09 14.13
N LYS B 63 19.80 28.59 13.22
CA LYS B 63 18.36 28.47 13.37
C LYS B 63 17.75 27.51 12.36
N TYR B 64 18.34 27.44 11.17
CA TYR B 64 17.83 26.56 10.11
C TYR B 64 18.94 26.01 9.23
N ARG B 65 18.73 24.80 8.74
CA ARG B 65 19.64 24.14 7.77
C ARG B 65 18.64 23.59 6.74
N LEU B 66 18.47 24.29 5.63
CA LEU B 66 17.49 23.91 4.61
C LEU B 66 18.05 23.59 3.23
N SER B 67 17.33 22.74 2.52
CA SER B 67 17.74 22.38 1.18
C SER B 67 17.67 23.62 0.32
N LEU B 68 18.70 23.81 -0.50
CA LEU B 68 18.72 24.96 -1.38
C LEU B 68 17.68 24.79 -2.49
N LYS B 69 17.63 23.60 -3.10
CA LYS B 69 16.65 23.40 -4.18
C LYS B 69 15.32 23.15 -3.52
N GLY B 70 14.24 23.62 -4.15
CA GLY B 70 12.90 23.42 -3.60
C GLY B 70 11.98 24.57 -3.97
N ASN B 71 10.72 24.48 -3.55
CA ASN B 71 9.75 25.55 -3.84
C ASN B 71 10.19 26.82 -3.11
N ALA B 72 9.64 27.95 -3.50
CA ALA B 72 9.98 29.22 -2.87
C ALA B 72 9.59 29.23 -1.38
N ARG B 73 10.53 29.58 -0.51
CA ARG B 73 10.26 29.62 0.92
C ARG B 73 10.80 30.91 1.56
N ASP B 74 10.03 31.49 2.46
CA ASP B 74 10.47 32.68 3.16
C ASP B 74 10.74 32.26 4.60
N ILE B 75 11.87 32.68 5.14
CA ILE B 75 12.19 32.31 6.52
C ILE B 75 12.51 33.57 7.30
N SER B 76 11.80 33.80 8.41
CA SER B 76 12.02 34.99 9.21
C SER B 76 12.76 34.62 10.48
N VAL B 77 13.80 35.34 10.80
CA VAL B 77 14.48 35.07 12.05
C VAL B 77 14.61 36.35 12.86
N LEU B 78 14.48 36.20 14.16
CA LEU B 78 14.59 37.33 15.05
C LEU B 78 16.08 37.54 15.37
N GLY B 79 16.59 38.72 15.07
CA GLY B 79 17.97 39.05 15.34
C GLY B 79 18.10 39.96 16.55
N LYS B 80 19.17 40.74 16.58
CA LYS B 80 19.43 41.65 17.69
C LYS B 80 18.46 42.83 17.80
N LYS B 81 18.06 43.36 16.66
CA LYS B 81 17.20 44.53 16.60
C LYS B 81 15.80 44.27 16.04
N GLY B 82 15.64 43.20 15.28
CA GLY B 82 14.34 42.93 14.70
C GLY B 82 14.34 41.67 13.85
N VAL B 83 13.57 41.70 12.77
CA VAL B 83 13.43 40.53 11.91
C VAL B 83 14.20 40.64 10.58
N THR B 84 14.78 39.53 10.15
CA THR B 84 15.46 39.48 8.87
C THR B 84 14.70 38.36 8.19
N THR B 85 14.16 38.59 7.03
CA THR B 85 13.44 37.52 6.35
C THR B 85 14.24 37.16 5.11
N PHE B 86 14.62 35.89 4.98
CA PHE B 86 15.39 35.43 3.83
C PHE B 86 14.46 34.71 2.92
N ARG B 87 14.81 34.67 1.64
CA ARG B 87 13.99 33.99 0.65
C ARG B 87 14.86 33.02 -0.11
N ILE B 88 14.39 31.78 -0.22
CA ILE B 88 15.09 30.74 -0.96
C ILE B 88 14.18 30.44 -2.14
N GLU B 89 14.70 30.60 -3.34
CA GLU B 89 13.92 30.34 -4.53
C GLU B 89 14.85 30.26 -5.75
N ASN B 90 14.47 29.40 -6.69
CA ASN B 90 15.27 29.18 -7.90
C ASN B 90 16.72 28.82 -7.54
N GLY B 91 16.91 28.10 -6.45
CA GLY B 91 18.26 27.70 -6.06
C GLY B 91 19.20 28.73 -5.45
N GLU B 92 18.72 29.94 -5.19
CA GLU B 92 19.57 30.96 -4.55
C GLU B 92 18.88 31.53 -3.32
N VAL B 93 19.65 32.27 -2.52
CA VAL B 93 19.11 32.87 -1.31
C VAL B 93 19.33 34.37 -1.36
N LYS B 94 18.34 35.15 -0.92
CA LYS B 94 18.49 36.60 -0.87
C LYS B 94 17.75 37.12 0.36
N VAL B 95 18.04 38.36 0.74
CA VAL B 95 17.36 38.94 1.87
C VAL B 95 16.24 39.76 1.32
N VAL B 96 15.01 39.49 1.74
CA VAL B 96 13.86 40.25 1.26
C VAL B 96 13.55 41.44 2.17
N GLU B 97 13.87 41.33 3.45
CA GLU B 97 13.63 42.42 4.38
C GLU B 97 14.45 42.26 5.63
N SER B 98 14.91 43.36 6.18
CA SER B 98 15.64 43.31 7.43
C SER B 98 15.46 44.64 8.16
N VAL B 99 16.20 44.87 9.24
CA VAL B 99 16.02 46.07 10.03
C VAL B 99 16.66 47.30 9.42
N GLU B 100 16.32 48.44 9.99
CA GLU B 100 16.86 49.68 9.49
C GLU B 100 18.37 49.62 9.66
N GLY B 101 19.09 50.08 8.64
CA GLY B 101 20.54 50.04 8.71
C GLY B 101 21.18 48.85 8.02
N ASP B 102 20.40 47.78 7.79
CA ASP B 102 20.86 46.55 7.14
C ASP B 102 20.76 46.67 5.62
N THR B 103 21.85 46.97 4.93
CA THR B 103 21.76 47.08 3.47
C THR B 103 21.88 45.71 2.80
N CYS B 104 22.02 44.68 3.62
CA CYS B 104 22.15 43.31 3.14
C CYS B 104 20.97 42.96 2.26
N VAL B 105 19.89 43.73 2.31
CA VAL B 105 18.74 43.42 1.46
C VAL B 105 19.07 43.65 0.00
N ASN B 106 20.13 44.41 -0.25
CA ASN B 106 20.56 44.69 -1.62
C ASN B 106 21.61 43.71 -2.11
N ALA B 107 22.26 43.01 -1.18
CA ALA B 107 23.29 42.05 -1.55
C ALA B 107 22.78 41.08 -2.62
N PRO B 108 23.64 40.75 -3.58
CA PRO B 108 23.21 39.82 -4.63
C PRO B 108 22.96 38.46 -4.00
N PRO B 109 22.03 37.69 -4.59
CA PRO B 109 21.62 36.35 -4.20
C PRO B 109 22.82 35.38 -4.26
N ILE B 110 22.88 34.44 -3.33
CA ILE B 110 23.95 33.45 -3.30
C ILE B 110 23.47 32.03 -3.63
N SER B 111 24.36 31.22 -4.19
CA SER B 111 24.06 29.85 -4.57
C SER B 111 25.22 28.86 -4.45
N LYS B 112 26.40 29.30 -4.05
CA LYS B 112 27.53 28.40 -3.97
C LYS B 112 28.13 28.12 -2.60
N PRO B 113 28.48 26.86 -2.35
CA PRO B 113 29.08 26.48 -1.06
C PRO B 113 30.09 27.56 -0.72
N GLY B 114 30.11 28.00 0.53
CA GLY B 114 31.05 29.05 0.92
C GLY B 114 30.53 30.48 0.79
N GLN B 115 29.54 30.73 -0.05
CA GLN B 115 29.02 32.10 -0.14
C GLN B 115 28.11 32.39 1.07
N LYS B 116 28.01 33.66 1.44
CA LYS B 116 27.14 34.04 2.54
C LYS B 116 26.67 35.47 2.37
N ILE B 117 25.64 35.82 3.14
CA ILE B 117 25.07 37.17 3.15
C ILE B 117 25.02 37.51 4.60
N THR B 118 25.54 38.67 4.93
CA THR B 118 25.59 39.08 6.33
C THR B 118 24.85 40.39 6.56
N CYS B 119 23.92 40.35 7.51
CA CYS B 119 23.15 41.51 7.87
C CYS B 119 23.75 41.93 9.21
N LYS B 120 24.70 42.86 9.10
CA LYS B 120 25.48 43.39 10.19
C LYS B 120 24.72 44.11 11.32
N GLU B 121 23.66 44.84 10.99
CA GLU B 121 22.91 45.51 12.05
C GLU B 121 22.11 44.53 12.88
N ASN B 122 21.43 43.60 12.22
CA ASN B 122 20.60 42.63 12.95
C ASN B 122 21.38 41.39 13.33
N LYS B 123 22.62 41.29 12.88
CA LYS B 123 23.48 40.14 13.22
C LYS B 123 22.88 38.80 12.78
N THR B 124 22.46 38.72 11.54
CA THR B 124 21.87 37.50 11.03
C THR B 124 22.61 37.20 9.75
N GLU B 125 22.38 36.02 9.21
CA GLU B 125 23.01 35.64 7.95
C GLU B 125 22.59 34.30 7.44
N ALA B 126 22.81 34.15 6.15
CA ALA B 126 22.54 32.92 5.46
C ALA B 126 23.88 32.56 4.83
N LYS B 127 24.19 31.27 4.84
CA LYS B 127 25.44 30.76 4.27
C LYS B 127 25.09 29.48 3.50
N ILE B 128 25.67 29.33 2.32
CA ILE B 128 25.44 28.15 1.53
C ILE B 128 26.55 27.16 1.90
N VAL B 129 26.15 25.93 2.20
CA VAL B 129 27.13 24.93 2.56
C VAL B 129 26.74 23.59 2.00
N LEU B 130 27.73 22.69 1.92
CA LEU B 130 27.50 21.34 1.45
C LEU B 130 27.25 20.51 2.70
N ASP B 131 26.13 19.80 2.73
CA ASP B 131 25.79 18.97 3.88
C ASP B 131 26.35 17.61 3.60
N ASN B 132 27.52 17.34 4.15
CA ASN B 132 28.17 16.08 3.91
C ASN B 132 28.05 15.19 5.10
N LYS B 133 26.93 14.48 5.14
CA LYS B 133 26.66 13.58 6.23
C LYS B 133 26.49 12.18 5.68
N ILE B 134 26.25 12.07 4.38
CA ILE B 134 26.08 10.74 3.81
C ILE B 134 27.41 10.13 3.35
N PHE B 135 28.19 10.90 2.60
CA PHE B 135 29.47 10.41 2.08
C PHE B 135 30.65 11.31 2.36
N PRO B 136 30.95 11.53 3.64
CA PRO B 136 32.10 12.41 3.96
C PRO B 136 33.44 11.82 3.47
N GLY B 137 34.36 12.71 3.08
CA GLY B 137 35.66 12.27 2.62
C GLY B 137 35.82 11.86 1.15
N TYR B 138 34.83 12.16 0.32
CA TYR B 138 34.91 11.81 -1.10
C TYR B 138 34.48 12.91 -2.06
N ILE B 139 35.12 12.94 -3.23
CA ILE B 139 34.71 13.82 -4.31
C ILE B 139 34.83 12.94 -5.55
N LEU B 140 34.09 13.27 -6.60
CA LEU B 140 34.14 12.47 -7.80
C LEU B 140 34.70 13.30 -8.92
N ILE B 141 35.45 12.66 -9.81
CA ILE B 141 35.99 13.35 -10.97
C ILE B 141 35.81 12.48 -12.22
N LYS B 142 35.58 13.15 -13.35
CA LYS B 142 35.43 12.42 -14.60
C LYS B 142 36.63 12.86 -15.39
N ALA B 143 37.52 11.92 -15.64
CA ALA B 143 38.82 12.24 -16.20
C ALA B 143 39.49 11.20 -17.05
N HIS B 144 40.46 11.64 -17.77
CA HIS B 144 41.29 10.72 -18.47
C HIS B 144 42.50 10.60 -17.52
N MET B 145 42.66 9.41 -16.89
CA MET B 145 43.71 9.23 -15.87
C MET B 145 45.06 8.89 -16.48
N ASN B 146 46.12 9.54 -16.00
CA ASN B 146 47.50 9.24 -16.42
C ASN B 146 48.37 9.55 -15.21
N ASP B 147 49.66 9.23 -15.27
CA ASP B 147 50.57 9.46 -14.16
C ASP B 147 50.64 10.93 -13.72
N LYS B 148 50.73 11.86 -14.65
CA LYS B 148 50.79 13.26 -14.25
C LYS B 148 49.53 13.76 -13.54
N LEU B 149 48.35 13.29 -13.95
CA LEU B 149 47.12 13.71 -13.28
C LEU B 149 47.06 13.10 -11.88
N LEU B 150 47.47 11.84 -11.75
CA LEU B 150 47.47 11.16 -10.45
C LEU B 150 48.39 11.90 -9.43
N MET B 151 49.55 12.31 -9.89
CA MET B 151 50.49 13.03 -9.04
C MET B 151 49.92 14.40 -8.65
N ALA B 152 49.28 15.06 -9.62
CA ALA B 152 48.74 16.38 -9.32
C ALA B 152 47.63 16.22 -8.30
N ILE B 153 46.83 15.16 -8.45
CA ILE B 153 45.74 14.87 -7.52
C ILE B 153 46.29 14.67 -6.10
N GLU B 154 47.28 13.79 -5.98
CA GLU B 154 47.90 13.48 -4.72
C GLU B 154 48.52 14.65 -3.98
N LYS B 155 49.05 15.61 -4.72
CA LYS B 155 49.65 16.76 -4.09
C LYS B 155 48.68 17.96 -3.92
N THR B 156 47.41 17.74 -4.16
CA THR B 156 46.45 18.81 -3.95
C THR B 156 46.11 18.80 -2.48
N PRO B 157 46.17 19.96 -1.83
CA PRO B 157 45.85 20.07 -0.40
C PRO B 157 44.42 19.62 -0.13
N HIS B 158 44.24 18.88 0.96
CA HIS B 158 42.95 18.32 1.39
C HIS B 158 42.55 17.08 0.58
N VAL B 159 43.38 16.68 -0.37
CA VAL B 159 43.13 15.48 -1.16
C VAL B 159 44.17 14.41 -0.81
N PHE B 160 43.74 13.18 -0.51
CA PHE B 160 44.71 12.13 -0.25
C PHE B 160 45.10 11.48 -1.57
N ARG B 161 44.20 10.68 -2.14
CA ARG B 161 44.43 9.98 -3.40
C ARG B 161 43.15 9.33 -3.94
N PRO B 162 43.17 8.89 -5.21
CA PRO B 162 41.99 8.19 -5.73
C PRO B 162 41.84 6.84 -5.02
N VAL B 163 40.64 6.27 -4.99
CA VAL B 163 40.46 4.93 -4.44
C VAL B 163 41.14 4.05 -5.48
N MET B 164 41.92 3.08 -5.00
CA MET B 164 42.70 2.19 -5.86
C MET B 164 42.29 0.73 -5.83
N VAL B 165 42.58 0.05 -6.93
CA VAL B 165 42.37 -1.40 -7.07
C VAL B 165 43.62 -1.87 -7.84
N GLY B 166 44.32 -2.87 -7.31
CA GLY B 166 45.49 -3.40 -8.00
C GLY B 166 46.53 -2.41 -8.47
N GLY B 167 46.81 -1.42 -7.62
CA GLY B 167 47.82 -0.45 -7.97
C GLY B 167 47.37 0.70 -8.85
N LYS B 168 46.11 0.74 -9.26
CA LYS B 168 45.66 1.83 -10.11
C LYS B 168 44.35 2.45 -9.67
N PRO B 169 44.14 3.74 -9.98
CA PRO B 169 42.85 4.31 -9.57
C PRO B 169 41.81 3.39 -10.17
N VAL B 170 40.77 3.11 -9.42
CA VAL B 170 39.75 2.27 -9.94
C VAL B 170 38.63 3.08 -10.60
N PRO B 171 38.41 2.89 -11.89
CA PRO B 171 37.32 3.66 -12.48
C PRO B 171 35.98 3.15 -11.96
N LEU B 172 34.96 4.01 -11.92
CA LEU B 172 33.62 3.57 -11.43
C LEU B 172 32.63 3.49 -12.58
N LYS B 173 31.82 2.44 -12.60
CA LYS B 173 30.77 2.26 -13.60
C LYS B 173 29.75 3.40 -13.45
N GLU B 174 29.12 3.76 -14.57
CA GLU B 174 28.12 4.83 -14.55
C GLU B 174 26.96 4.53 -13.58
N GLU B 175 26.56 3.27 -13.48
CA GLU B 175 25.50 2.94 -12.55
C GLU B 175 25.96 3.21 -11.11
N GLU B 176 27.18 2.82 -10.75
CA GLU B 176 27.61 3.09 -9.38
C GLU B 176 27.49 4.57 -9.13
N VAL B 177 27.98 5.39 -10.03
CA VAL B 177 27.93 6.84 -9.84
C VAL B 177 26.50 7.39 -9.66
N GLN B 178 25.59 6.95 -10.52
CA GLN B 178 24.19 7.39 -10.42
C GLN B 178 23.58 6.92 -9.11
N ASN B 179 23.90 5.69 -8.71
CA ASN B 179 23.36 5.16 -7.45
C ASN B 179 23.84 6.01 -6.26
N ILE B 180 25.10 6.48 -6.33
CA ILE B 180 25.63 7.35 -5.27
C ILE B 180 24.88 8.71 -5.28
N LEU B 181 24.83 9.37 -6.42
CA LEU B 181 24.14 10.65 -6.49
C LEU B 181 22.66 10.49 -6.14
N ASN B 182 22.04 9.38 -6.54
CA ASN B 182 20.64 9.17 -6.23
C ASN B 182 20.40 9.04 -4.73
N GLN B 183 21.39 8.54 -4.01
CA GLN B 183 21.20 8.41 -2.57
C GLN B 183 21.28 9.77 -1.92
N ILE B 184 22.13 10.64 -2.44
CA ILE B 184 22.24 11.99 -1.87
C ILE B 184 20.91 12.69 -2.14
N LYS B 185 20.37 12.47 -3.35
CA LYS B 185 19.12 13.08 -3.76
C LYS B 185 17.95 12.67 -2.88
N ARG B 186 17.90 11.40 -2.49
CA ARG B 186 16.82 10.91 -1.63
C ARG B 186 16.82 11.66 -0.31
N GLY B 187 18.00 12.08 0.12
CA GLY B 187 18.14 12.79 1.37
C GLY B 187 18.52 11.84 2.47
N VAL B 188 18.41 10.55 2.16
CA VAL B 188 18.72 9.45 3.06
C VAL B 188 19.57 9.84 4.26
N LYS B 189 18.94 10.49 5.24
CA LYS B 189 19.64 10.89 6.46
C LYS B 189 20.17 9.61 7.10
N PRO B 190 21.47 9.32 6.94
CA PRO B 190 22.07 8.12 7.52
C PRO B 190 22.49 8.35 8.97
N SER B 191 21.57 8.09 9.91
CA SER B 191 21.87 8.29 11.32
C SER B 191 22.77 7.17 11.84
N LYS B 192 22.72 6.92 13.15
CA LYS B 192 23.50 5.85 13.75
C LYS B 192 22.67 4.58 13.67
N VAL B 193 21.37 4.76 13.43
CA VAL B 193 20.42 3.65 13.31
C VAL B 193 20.45 2.70 14.52
N GLU B 194 21.18 3.09 15.57
CA GLU B 194 21.29 2.25 16.78
C GLU B 194 20.01 2.37 17.59
N PHE B 195 19.06 1.49 17.31
CA PHE B 195 17.77 1.49 17.98
C PHE B 195 16.98 2.73 17.57
N GLU B 196 16.81 2.89 16.26
CA GLU B 196 16.07 4.01 15.68
C GLU B 196 14.58 3.64 15.84
N LYS B 197 13.76 4.60 16.25
CA LYS B 197 12.34 4.35 16.45
C LYS B 197 11.68 3.71 15.23
N GLY B 198 11.04 2.57 15.46
CA GLY B 198 10.38 1.83 14.40
C GLY B 198 11.16 0.58 14.00
N ASP B 199 12.40 0.48 14.47
CA ASP B 199 13.26 -0.66 14.14
C ASP B 199 12.94 -1.96 14.89
N GLN B 200 13.32 -3.10 14.30
CA GLN B 200 13.07 -4.42 14.87
C GLN B 200 14.24 -4.94 15.70
N VAL B 201 13.94 -5.56 16.83
CA VAL B 201 14.98 -6.11 17.69
C VAL B 201 14.64 -7.49 18.25
N ARG B 202 15.57 -8.02 19.04
CA ARG B 202 15.40 -9.32 19.69
C ARG B 202 15.97 -9.25 21.12
N VAL B 203 15.32 -9.95 22.06
CA VAL B 203 15.74 -9.95 23.47
C VAL B 203 16.78 -11.01 23.83
N ILE B 204 17.82 -10.59 24.56
CA ILE B 204 18.88 -11.49 25.00
C ILE B 204 18.90 -11.65 26.50
N GLU B 205 18.84 -10.52 27.22
CA GLU B 205 18.87 -10.54 28.67
C GLU B 205 17.47 -10.41 29.27
N GLY B 206 17.08 -11.40 30.07
CA GLY B 206 15.79 -11.33 30.72
C GLY B 206 14.74 -12.39 30.43
N PRO B 207 13.51 -12.17 30.93
CA PRO B 207 12.36 -13.06 30.76
C PRO B 207 11.68 -12.92 29.40
N PHE B 208 12.20 -12.04 28.54
CA PHE B 208 11.63 -11.84 27.21
C PHE B 208 12.62 -12.27 26.11
N MET B 209 13.66 -13.02 26.50
CA MET B 209 14.68 -13.48 25.54
C MET B 209 14.04 -14.01 24.26
N ASN B 210 14.67 -13.69 23.12
CA ASN B 210 14.23 -14.12 21.79
C ASN B 210 12.91 -13.61 21.21
N PHE B 211 11.99 -13.12 22.03
CA PHE B 211 10.75 -12.59 21.48
C PHE B 211 11.18 -11.39 20.64
N THR B 212 10.31 -10.88 19.78
CA THR B 212 10.68 -9.74 18.95
C THR B 212 9.51 -8.76 18.70
N GLY B 213 9.85 -7.53 18.30
CA GLY B 213 8.82 -6.52 18.04
C GLY B 213 9.29 -5.15 17.59
N THR B 214 8.44 -4.14 17.81
CA THR B 214 8.72 -2.75 17.44
C THR B 214 9.32 -1.93 18.58
N VAL B 215 10.44 -1.24 18.31
CA VAL B 215 11.03 -0.37 19.32
C VAL B 215 10.12 0.85 19.30
N GLU B 216 9.55 1.19 20.44
CA GLU B 216 8.63 2.31 20.55
C GLU B 216 9.31 3.67 20.65
N GLU B 217 10.49 3.70 21.27
CA GLU B 217 11.22 4.97 21.46
C GLU B 217 12.53 4.75 22.23
N VAL B 218 13.34 5.78 22.33
CA VAL B 218 14.61 5.72 23.05
C VAL B 218 14.57 6.60 24.26
N HIS B 219 13.88 7.70 24.03
CA HIS B 219 13.68 8.74 24.98
C HIS B 219 14.94 9.66 25.10
N PRO B 220 14.85 10.64 26.03
CA PRO B 220 15.97 11.65 26.15
C PRO B 220 17.21 11.08 26.73
N GLU B 221 18.27 10.92 26.02
CA GLU B 221 19.39 10.35 26.79
C GLU B 221 18.97 9.57 28.05
N LYS B 222 18.81 8.26 27.91
CA LYS B 222 18.41 7.41 29.04
C LYS B 222 18.65 5.95 28.65
N ARG B 223 19.32 5.79 27.52
CA ARG B 223 19.70 4.50 26.92
C ARG B 223 18.85 3.26 27.21
N LYS B 224 17.53 3.43 27.16
CA LYS B 224 16.61 2.33 27.41
C LYS B 224 15.59 2.31 26.26
N LEU B 225 14.82 1.23 26.16
CA LEU B 225 13.85 1.13 25.08
C LEU B 225 12.50 0.54 25.50
N THR B 226 11.43 1.20 25.12
CA THR B 226 10.08 0.71 25.35
C THR B 226 9.80 -0.02 24.04
N VAL B 227 9.65 -1.34 24.12
CA VAL B 227 9.42 -2.17 22.93
C VAL B 227 8.15 -3.01 22.88
N MET B 228 7.43 -2.90 21.77
CA MET B 228 6.22 -3.66 21.55
C MET B 228 6.65 -5.05 21.06
N ILE B 229 6.46 -6.07 21.87
CA ILE B 229 6.82 -7.42 21.45
C ILE B 229 5.53 -8.23 21.39
N SER B 230 5.56 -9.31 20.64
CA SER B 230 4.37 -10.14 20.58
C SER B 230 4.65 -11.36 21.45
N ILE B 231 4.05 -11.45 22.63
CA ILE B 231 4.30 -12.64 23.45
C ILE B 231 3.24 -13.65 22.99
N PHE B 232 3.67 -14.54 22.09
CA PHE B 232 2.82 -15.56 21.50
C PHE B 232 1.45 -14.94 21.21
N GLY B 233 1.51 -13.74 20.63
CA GLY B 233 0.29 -13.04 20.26
C GLY B 233 -0.16 -11.89 21.13
N ARG B 234 0.05 -11.99 22.45
CA ARG B 234 -0.36 -10.92 23.35
C ARG B 234 0.59 -9.71 23.19
N MET B 235 0.09 -8.62 22.59
CA MET B 235 0.89 -7.41 22.38
C MET B 235 1.23 -6.79 23.72
N THR B 236 2.52 -6.63 24.00
CA THR B 236 2.98 -6.15 25.29
C THR B 236 4.10 -5.13 25.25
N PRO B 237 3.90 -3.96 25.89
CA PRO B 237 4.96 -2.95 25.89
C PRO B 237 6.04 -3.55 26.80
N VAL B 238 7.29 -3.35 26.47
CA VAL B 238 8.37 -3.91 27.27
C VAL B 238 9.48 -2.89 27.43
N GLU B 239 9.93 -2.72 28.65
CA GLU B 239 10.99 -1.78 28.96
C GLU B 239 12.30 -2.58 28.94
N LEU B 240 13.15 -2.31 27.96
CA LEU B 240 14.42 -3.03 27.84
C LEU B 240 15.63 -2.13 27.65
N ASP B 241 16.78 -2.64 28.11
CA ASP B 241 18.03 -1.92 27.99
C ASP B 241 18.67 -2.31 26.64
N PHE B 242 19.67 -1.54 26.21
CA PHE B 242 20.37 -1.84 24.97
C PHE B 242 21.20 -3.07 25.29
N ASP B 243 21.50 -3.22 26.58
CA ASP B 243 22.28 -4.33 27.10
C ASP B 243 21.45 -5.62 27.08
N GLN B 244 20.12 -5.46 27.00
CA GLN B 244 19.17 -6.57 26.96
C GLN B 244 18.67 -6.87 25.55
N VAL B 245 18.96 -5.98 24.60
CA VAL B 245 18.50 -6.17 23.24
C VAL B 245 19.57 -6.01 22.17
N GLU B 246 19.24 -6.52 20.99
CA GLU B 246 20.10 -6.49 19.83
C GLU B 246 19.24 -6.16 18.60
N LYS B 247 19.75 -5.31 17.72
CA LYS B 247 19.01 -4.95 16.51
C LYS B 247 18.99 -6.16 15.58
N ILE B 248 17.88 -6.32 14.84
CA ILE B 248 17.73 -7.42 13.90
C ILE B 248 17.40 -6.89 12.50
N GLU C 10 19.70 9.97 -20.28
CA GLU C 10 19.20 10.07 -21.69
C GLU C 10 17.87 9.35 -21.90
N LYS C 11 17.73 8.13 -21.39
CA LYS C 11 16.46 7.41 -21.55
C LYS C 11 15.56 7.70 -20.35
N LYS C 12 14.28 7.87 -20.61
CA LYS C 12 13.36 8.19 -19.54
C LYS C 12 12.21 7.21 -19.40
N TRP C 13 11.59 7.25 -18.22
CA TRP C 13 10.47 6.39 -17.95
C TRP C 13 9.22 7.06 -18.41
N TYR C 14 8.36 6.27 -19.04
CA TYR C 14 7.10 6.74 -19.55
C TYR C 14 6.12 5.65 -19.19
N ALA C 15 4.85 6.02 -19.03
CA ALA C 15 3.80 5.08 -18.71
C ALA C 15 2.96 4.94 -19.97
N LEU C 16 2.63 3.70 -20.38
CA LEU C 16 1.79 3.52 -21.57
C LEU C 16 0.41 2.99 -21.16
N GLN C 17 -0.64 3.57 -21.72
CA GLN C 17 -1.99 3.10 -21.45
C GLN C 17 -2.21 1.93 -22.39
N VAL C 18 -2.68 0.82 -21.83
CA VAL C 18 -2.90 -0.39 -22.60
C VAL C 18 -4.23 -1.03 -22.22
N GLU C 19 -4.71 -1.93 -23.09
CA GLU C 19 -5.96 -2.63 -22.87
C GLU C 19 -5.92 -3.29 -21.49
N PRO C 20 -6.86 -2.91 -20.62
CA PRO C 20 -6.94 -3.46 -19.26
C PRO C 20 -7.02 -5.00 -19.24
N GLY C 21 -6.19 -5.62 -18.40
CA GLY C 21 -6.19 -7.06 -18.31
C GLY C 21 -5.24 -7.75 -19.28
N LYS C 22 -4.79 -7.01 -20.30
CA LYS C 22 -3.90 -7.57 -21.31
C LYS C 22 -2.51 -6.93 -21.24
N GLU C 23 -2.13 -6.49 -20.04
CA GLU C 23 -0.84 -5.85 -19.85
C GLU C 23 0.29 -6.70 -20.43
N ASN C 24 0.30 -8.00 -20.09
CA ASN C 24 1.32 -8.93 -20.55
C ASN C 24 1.39 -9.08 -22.06
N GLU C 25 0.23 -9.18 -22.72
CA GLU C 25 0.18 -9.31 -24.16
C GLU C 25 0.59 -7.99 -24.82
N ALA C 26 0.34 -6.87 -24.14
CA ALA C 26 0.73 -5.57 -24.67
C ALA C 26 2.25 -5.49 -24.70
N LYS C 27 2.88 -5.94 -23.61
CA LYS C 27 4.32 -5.89 -23.52
C LYS C 27 4.99 -6.82 -24.53
N GLU C 28 4.44 -8.02 -24.69
CA GLU C 28 5.02 -8.96 -25.64
C GLU C 28 4.92 -8.42 -27.05
N ASN C 29 3.72 -7.94 -27.38
CA ASN C 29 3.44 -7.36 -28.68
C ASN C 29 4.37 -6.19 -28.97
N LEU C 30 4.55 -5.30 -27.99
CA LEU C 30 5.43 -4.14 -28.19
C LEU C 30 6.85 -4.59 -28.47
N LEU C 31 7.29 -5.60 -27.72
CA LEU C 31 8.65 -6.11 -27.91
C LEU C 31 8.82 -6.64 -29.33
N LYS C 32 7.79 -7.26 -29.89
CA LYS C 32 7.87 -7.80 -31.25
C LYS C 32 7.88 -6.64 -32.25
N VAL C 33 7.18 -5.56 -31.91
CA VAL C 33 7.18 -4.44 -32.81
C VAL C 33 8.50 -3.73 -32.77
N LEU C 34 9.13 -3.69 -31.60
CA LEU C 34 10.40 -2.99 -31.53
C LEU C 34 11.40 -3.67 -32.48
N GLU C 35 11.43 -5.00 -32.44
CA GLU C 35 12.31 -5.81 -33.28
C GLU C 35 12.03 -5.54 -34.74
N LEU C 36 10.78 -5.70 -35.14
CA LEU C 36 10.39 -5.46 -36.51
C LEU C 36 10.81 -4.08 -37.02
N GLU C 37 10.61 -3.02 -36.23
CA GLU C 37 10.97 -1.67 -36.69
C GLU C 37 12.41 -1.27 -36.41
N GLY C 38 13.19 -2.20 -35.85
CA GLY C 38 14.58 -1.90 -35.55
C GLY C 38 14.77 -0.83 -34.51
N LEU C 39 13.92 -0.82 -33.48
CA LEU C 39 13.97 0.21 -32.44
C LEU C 39 14.46 -0.23 -31.09
N LYS C 40 14.93 -1.48 -31.00
CA LYS C 40 15.41 -2.04 -29.74
C LYS C 40 16.41 -1.19 -29.00
N ASP C 41 17.36 -0.61 -29.71
CA ASP C 41 18.39 0.22 -29.08
C ASP C 41 17.84 1.47 -28.38
N LEU C 42 16.62 1.89 -28.70
CA LEU C 42 16.05 3.08 -28.05
C LEU C 42 15.30 2.72 -26.77
N VAL C 43 15.12 1.44 -26.49
CA VAL C 43 14.38 1.02 -25.32
C VAL C 43 15.14 0.08 -24.38
N ASP C 44 15.38 0.54 -23.16
CA ASP C 44 16.08 -0.28 -22.16
C ASP C 44 15.19 -1.23 -21.38
N GLU C 45 13.94 -0.84 -21.13
CA GLU C 45 13.04 -1.67 -20.33
C GLU C 45 11.59 -1.56 -20.74
N VAL C 46 10.87 -2.62 -20.62
CA VAL C 46 9.46 -2.68 -20.82
C VAL C 46 9.01 -3.52 -19.69
N ILE C 47 8.21 -2.93 -18.80
CA ILE C 47 7.76 -3.57 -17.57
C ILE C 47 6.29 -3.50 -17.26
N VAL C 48 5.81 -4.57 -16.71
CA VAL C 48 4.45 -4.62 -16.22
C VAL C 48 4.60 -4.42 -14.74
N PRO C 49 3.95 -3.35 -14.19
CA PRO C 49 4.08 -3.14 -12.75
C PRO C 49 3.06 -3.99 -12.00
N ALA C 50 3.36 -5.26 -11.82
CA ALA C 50 2.46 -6.17 -11.14
C ALA C 50 3.24 -7.22 -10.37
N GLU C 51 2.55 -7.94 -9.50
CA GLU C 51 3.22 -8.95 -8.70
C GLU C 51 3.18 -10.27 -9.43
N GLU C 52 4.25 -11.02 -9.31
CA GLU C 52 4.28 -12.31 -9.94
C GLU C 52 3.42 -13.22 -9.08
N LYS C 53 2.53 -13.97 -9.73
CA LYS C 53 1.64 -14.91 -9.07
C LYS C 53 1.72 -16.30 -9.70
N VAL C 54 1.21 -17.29 -8.97
CA VAL C 54 1.18 -18.68 -9.44
C VAL C 54 -0.28 -19.02 -9.64
N VAL C 55 -0.66 -19.43 -10.82
CA VAL C 55 -2.06 -19.79 -10.95
C VAL C 55 -2.10 -21.32 -11.02
N ILE C 56 -2.92 -21.96 -10.20
CA ILE C 56 -3.03 -23.44 -10.24
C ILE C 56 -4.37 -23.85 -10.83
N ARG C 57 -4.36 -24.74 -11.82
CA ARG C 57 -5.60 -25.18 -12.45
C ARG C 57 -5.70 -26.71 -12.36
N ALA C 58 -6.94 -27.20 -12.36
CA ALA C 58 -7.20 -28.64 -12.34
C ALA C 58 -8.29 -28.81 -13.44
N GLN C 59 -7.97 -29.62 -14.46
CA GLN C 59 -8.85 -29.86 -15.59
C GLN C 59 -9.44 -28.52 -16.14
N GLY C 60 -8.58 -27.54 -16.39
CA GLY C 60 -9.02 -26.26 -16.91
C GLY C 60 -9.58 -25.23 -15.93
N LYS C 61 -10.01 -25.65 -14.74
CA LYS C 61 -10.57 -24.69 -13.78
C LYS C 61 -9.53 -24.07 -12.84
N GLU C 62 -9.57 -22.75 -12.69
CA GLU C 62 -8.60 -22.12 -11.80
C GLU C 62 -9.00 -22.50 -10.38
N LYS C 63 -8.00 -22.93 -9.60
CA LYS C 63 -8.24 -23.34 -8.22
C LYS C 63 -7.59 -22.35 -7.25
N TYR C 64 -6.41 -21.87 -7.60
CA TYR C 64 -5.69 -20.94 -6.76
C TYR C 64 -4.90 -19.90 -7.54
N ARG C 65 -4.70 -18.75 -6.91
CA ARG C 65 -3.89 -17.66 -7.47
C ARG C 65 -3.12 -17.17 -6.26
N LEU C 66 -1.86 -17.52 -6.17
CA LEU C 66 -1.11 -17.16 -5.01
C LEU C 66 0.15 -16.37 -5.29
N SER C 67 0.63 -15.70 -4.24
CA SER C 67 1.82 -14.92 -4.37
C SER C 67 3.03 -15.83 -4.61
N LEU C 68 3.90 -15.48 -5.55
CA LEU C 68 5.09 -16.32 -5.80
C LEU C 68 6.05 -16.21 -4.61
N LYS C 69 6.31 -14.99 -4.16
CA LYS C 69 7.22 -14.78 -3.02
C LYS C 69 6.42 -15.14 -1.77
N GLY C 70 7.09 -15.61 -0.72
CA GLY C 70 6.38 -15.97 0.50
C GLY C 70 6.96 -17.20 1.18
N ASN C 71 6.43 -17.55 2.35
CA ASN C 71 6.87 -18.74 3.07
C ASN C 71 6.54 -19.99 2.25
N ALA C 72 7.37 -21.01 2.35
CA ALA C 72 7.18 -22.25 1.59
C ALA C 72 5.79 -22.85 1.86
N ARG C 73 5.13 -23.33 0.82
CA ARG C 73 3.78 -23.90 0.96
C ARG C 73 3.55 -24.99 -0.08
N ASP C 74 2.71 -25.96 0.27
CA ASP C 74 2.32 -27.03 -0.64
C ASP C 74 0.86 -26.74 -0.96
N ILE C 75 0.47 -27.05 -2.19
CA ILE C 75 -0.91 -26.84 -2.58
C ILE C 75 -1.34 -28.08 -3.33
N SER C 76 -2.31 -28.79 -2.78
CA SER C 76 -2.83 -29.99 -3.41
C SER C 76 -4.18 -29.76 -4.12
N VAL C 77 -4.29 -30.22 -5.36
CA VAL C 77 -5.55 -30.11 -6.07
C VAL C 77 -5.92 -31.48 -6.61
N LEU C 78 -7.22 -31.75 -6.64
CA LEU C 78 -7.74 -33.00 -7.14
C LEU C 78 -8.00 -32.84 -8.64
N GLY C 79 -7.38 -33.69 -9.45
CA GLY C 79 -7.55 -33.61 -10.89
C GLY C 79 -8.38 -34.77 -11.45
N LYS C 80 -8.05 -35.20 -12.66
CA LYS C 80 -8.75 -36.28 -13.34
C LYS C 80 -8.54 -37.66 -12.75
N LYS C 81 -7.30 -37.97 -12.38
CA LYS C 81 -6.96 -39.28 -11.81
C LYS C 81 -6.65 -39.32 -10.32
N GLY C 82 -6.29 -38.18 -9.75
CA GLY C 82 -5.95 -38.15 -8.35
C GLY C 82 -5.41 -36.80 -7.92
N VAL C 83 -4.44 -36.83 -7.00
CA VAL C 83 -3.89 -35.59 -6.47
C VAL C 83 -2.56 -35.09 -7.04
N THR C 84 -2.48 -33.78 -7.30
CA THR C 84 -1.23 -33.19 -7.72
C THR C 84 -0.86 -32.16 -6.60
N THR C 85 0.35 -32.26 -6.09
CA THR C 85 0.77 -31.33 -5.04
C THR C 85 1.91 -30.47 -5.59
N PHE C 86 1.72 -29.17 -5.50
CA PHE C 86 2.68 -28.19 -5.96
C PHE C 86 3.37 -27.55 -4.75
N ARG C 87 4.65 -27.24 -4.88
CA ARG C 87 5.39 -26.57 -3.81
C ARG C 87 5.85 -25.18 -4.30
N ILE C 88 5.59 -24.17 -3.48
CA ILE C 88 6.01 -22.80 -3.79
C ILE C 88 7.02 -22.49 -2.70
N GLU C 89 8.26 -22.21 -3.09
CA GLU C 89 9.28 -21.93 -2.09
C GLU C 89 10.44 -21.19 -2.75
N ASN C 90 11.08 -20.29 -2.00
CA ASN C 90 12.20 -19.50 -2.50
C ASN C 90 11.83 -18.86 -3.82
N GLY C 91 10.58 -18.41 -3.97
CA GLY C 91 10.19 -17.81 -5.22
C GLY C 91 10.18 -18.71 -6.46
N GLU C 92 10.07 -20.03 -6.28
CA GLU C 92 10.01 -20.97 -7.41
C GLU C 92 8.82 -21.90 -7.17
N VAL C 93 8.26 -22.45 -8.26
CA VAL C 93 7.15 -23.40 -8.16
C VAL C 93 7.60 -24.71 -8.77
N LYS C 94 7.18 -25.83 -8.20
CA LYS C 94 7.52 -27.14 -8.71
C LYS C 94 6.50 -28.15 -8.18
N VAL C 95 6.38 -29.27 -8.89
CA VAL C 95 5.45 -30.33 -8.52
C VAL C 95 6.20 -31.25 -7.60
N VAL C 96 5.64 -31.50 -6.42
CA VAL C 96 6.24 -32.38 -5.43
C VAL C 96 5.68 -33.80 -5.58
N GLU C 97 4.44 -33.92 -6.02
CA GLU C 97 3.86 -35.26 -6.17
C GLU C 97 2.64 -35.20 -7.09
N SER C 98 2.43 -36.24 -7.88
CA SER C 98 1.25 -36.31 -8.73
C SER C 98 0.92 -37.76 -8.97
N VAL C 99 -0.02 -38.04 -9.88
CA VAL C 99 -0.39 -39.42 -10.12
C VAL C 99 0.68 -40.24 -10.87
N GLU C 100 0.64 -41.55 -10.69
CA GLU C 100 1.61 -42.39 -11.41
C GLU C 100 1.58 -42.02 -12.92
N GLY C 101 2.75 -41.97 -13.54
CA GLY C 101 2.81 -41.61 -14.93
C GLY C 101 2.98 -40.10 -15.20
N ASP C 102 2.79 -39.25 -14.18
CA ASP C 102 2.99 -37.81 -14.37
C ASP C 102 4.47 -37.45 -14.22
N THR C 103 5.16 -37.33 -15.34
CA THR C 103 6.57 -36.97 -15.33
C THR C 103 6.77 -35.50 -14.91
N CYS C 104 5.71 -34.73 -14.79
CA CYS C 104 5.82 -33.33 -14.38
C CYS C 104 6.55 -33.14 -13.04
N VAL C 105 6.66 -34.22 -12.27
CA VAL C 105 7.35 -34.19 -10.99
C VAL C 105 8.87 -34.03 -11.23
N ASN C 106 9.32 -34.32 -12.45
CA ASN C 106 10.73 -34.19 -12.78
C ASN C 106 11.04 -32.87 -13.47
N ALA C 107 10.01 -32.08 -13.76
CA ALA C 107 10.22 -30.80 -14.40
C ALA C 107 10.93 -29.84 -13.47
N PRO C 108 11.91 -29.09 -14.00
CA PRO C 108 12.60 -28.17 -13.08
C PRO C 108 11.68 -27.04 -12.63
N PRO C 109 11.97 -26.46 -11.47
CA PRO C 109 11.20 -25.35 -10.88
C PRO C 109 11.05 -24.19 -11.83
N ILE C 110 9.88 -23.59 -11.90
CA ILE C 110 9.69 -22.45 -12.76
C ILE C 110 9.70 -21.21 -11.87
N SER C 111 10.22 -20.10 -12.37
CA SER C 111 10.28 -18.87 -11.57
C SER C 111 9.87 -17.58 -12.27
N LYS C 112 9.77 -17.61 -13.60
CA LYS C 112 9.40 -16.41 -14.32
C LYS C 112 8.05 -16.44 -15.04
N PRO C 113 7.40 -15.27 -15.14
CA PRO C 113 6.09 -15.10 -15.78
C PRO C 113 6.01 -15.75 -17.16
N GLY C 114 4.96 -16.52 -17.38
CA GLY C 114 4.79 -17.19 -18.67
C GLY C 114 5.14 -18.66 -18.55
N GLN C 115 6.14 -18.96 -17.72
CA GLN C 115 6.56 -20.33 -17.51
C GLN C 115 5.41 -21.14 -16.90
N LYS C 116 5.43 -22.46 -17.14
CA LYS C 116 4.40 -23.31 -16.59
C LYS C 116 4.79 -24.78 -16.55
N ILE C 117 4.11 -25.53 -15.68
CA ILE C 117 4.36 -26.96 -15.54
C ILE C 117 3.00 -27.60 -15.72
N THR C 118 2.92 -28.57 -16.63
CA THR C 118 1.66 -29.21 -16.93
C THR C 118 1.79 -30.66 -16.57
N CYS C 119 0.76 -31.16 -15.90
CA CYS C 119 0.70 -32.58 -15.52
C CYS C 119 -0.32 -33.21 -16.44
N LYS C 120 0.15 -33.73 -17.56
CA LYS C 120 -0.73 -34.33 -18.56
C LYS C 120 -1.60 -35.49 -18.13
N GLU C 121 -1.17 -36.27 -17.13
CA GLU C 121 -1.98 -37.41 -16.70
C GLU C 121 -3.11 -36.97 -15.77
N ASN C 122 -2.79 -36.08 -14.84
CA ASN C 122 -3.80 -35.64 -13.90
C ASN C 122 -4.59 -34.40 -14.39
N LYS C 123 -4.13 -33.81 -15.48
CA LYS C 123 -4.78 -32.62 -16.05
C LYS C 123 -4.71 -31.45 -15.06
N THR C 124 -3.53 -31.23 -14.48
CA THR C 124 -3.38 -30.13 -13.56
C THR C 124 -2.20 -29.33 -14.04
N GLU C 125 -2.12 -28.07 -13.63
CA GLU C 125 -0.98 -27.26 -14.04
C GLU C 125 -0.79 -26.03 -13.17
N ALA C 126 0.45 -25.57 -13.11
CA ALA C 126 0.81 -24.37 -12.38
C ALA C 126 1.41 -23.43 -13.42
N LYS C 127 1.26 -22.14 -13.19
CA LYS C 127 1.79 -21.16 -14.13
C LYS C 127 2.02 -19.82 -13.45
N ILE C 128 3.20 -19.26 -13.69
CA ILE C 128 3.59 -17.99 -13.14
C ILE C 128 3.08 -16.86 -14.03
N VAL C 129 2.16 -16.07 -13.48
CA VAL C 129 1.60 -14.93 -14.20
C VAL C 129 1.79 -13.62 -13.45
N LEU C 130 1.70 -12.52 -14.16
CA LEU C 130 1.75 -11.19 -13.61
C LEU C 130 0.32 -10.71 -13.61
N ASP C 131 -0.22 -10.37 -12.45
CA ASP C 131 -1.62 -9.93 -12.39
C ASP C 131 -1.77 -8.43 -12.09
N ASN C 132 -2.69 -7.80 -12.84
CA ASN C 132 -2.99 -6.37 -12.79
C ASN C 132 -4.00 -5.84 -11.76
N LYS C 133 -3.67 -5.91 -10.48
CA LYS C 133 -4.60 -5.42 -9.48
C LYS C 133 -4.32 -3.97 -9.08
N ILE C 134 -3.04 -3.62 -9.02
CA ILE C 134 -2.65 -2.28 -8.62
C ILE C 134 -2.70 -1.23 -9.72
N PHE C 135 -1.92 -1.42 -10.78
CA PHE C 135 -1.90 -0.47 -11.89
C PHE C 135 -2.52 -1.03 -13.16
N PRO C 136 -3.77 -1.49 -13.08
CA PRO C 136 -4.39 -2.04 -14.29
C PRO C 136 -4.40 -1.03 -15.46
N GLY C 137 -4.20 -1.55 -16.67
CA GLY C 137 -4.19 -0.73 -17.87
C GLY C 137 -2.91 0.03 -18.15
N TYR C 138 -1.82 -0.36 -17.49
CA TYR C 138 -0.56 0.33 -17.72
C TYR C 138 0.68 -0.56 -17.75
N ILE C 139 1.66 -0.19 -18.58
CA ILE C 139 2.96 -0.84 -18.57
C ILE C 139 3.93 0.33 -18.67
N LEU C 140 5.14 0.13 -18.19
CA LEU C 140 6.12 1.18 -18.19
C LEU C 140 7.22 0.83 -19.19
N ILE C 141 7.82 1.87 -19.77
CA ILE C 141 8.94 1.70 -20.67
C ILE C 141 10.02 2.71 -20.32
N LYS C 142 11.24 2.29 -20.40
CA LYS C 142 12.32 3.22 -20.23
C LYS C 142 12.82 3.41 -21.65
N ALA C 143 12.80 4.63 -22.16
CA ALA C 143 13.22 4.81 -23.55
C ALA C 143 13.62 6.20 -23.98
N HIS C 144 14.12 6.27 -25.19
CA HIS C 144 14.45 7.49 -25.87
C HIS C 144 13.21 7.72 -26.73
N MET C 145 12.42 8.74 -26.38
CA MET C 145 11.18 9.01 -27.10
C MET C 145 11.36 9.93 -28.32
N ASN C 146 11.00 9.42 -29.49
CA ASN C 146 11.03 10.14 -30.76
C ASN C 146 9.76 9.72 -31.53
N ASP C 147 9.54 10.34 -32.68
CA ASP C 147 8.36 10.06 -33.46
C ASP C 147 8.20 8.62 -33.87
N LYS C 148 9.30 7.94 -34.18
CA LYS C 148 9.19 6.54 -34.59
C LYS C 148 8.76 5.64 -33.44
N LEU C 149 9.31 5.86 -32.25
CA LEU C 149 8.91 5.06 -31.11
C LEU C 149 7.41 5.33 -30.86
N LEU C 150 7.03 6.59 -30.95
CA LEU C 150 5.65 6.97 -30.76
C LEU C 150 4.77 6.15 -31.72
N MET C 151 5.17 6.09 -32.99
CA MET C 151 4.40 5.32 -33.98
C MET C 151 4.38 3.78 -33.75
N ALA C 152 5.50 3.22 -33.30
CA ALA C 152 5.58 1.78 -33.00
C ALA C 152 4.60 1.47 -31.85
N ILE C 153 4.61 2.31 -30.83
CA ILE C 153 3.69 2.16 -29.67
C ILE C 153 2.23 2.21 -30.12
N GLU C 154 1.85 3.25 -30.87
CA GLU C 154 0.47 3.40 -31.33
C GLU C 154 0.04 2.23 -32.22
N LYS C 155 0.99 1.68 -32.96
CA LYS C 155 0.75 0.55 -33.86
C LYS C 155 0.54 -0.81 -33.13
N THR C 156 1.15 -0.96 -31.97
CA THR C 156 1.04 -2.20 -31.23
C THR C 156 -0.34 -2.57 -30.71
N PRO C 157 -0.83 -3.78 -31.07
CA PRO C 157 -2.15 -4.17 -30.56
C PRO C 157 -2.18 -4.18 -29.04
N HIS C 158 -3.25 -3.64 -28.48
CA HIS C 158 -3.45 -3.57 -27.03
C HIS C 158 -2.74 -2.39 -26.35
N VAL C 159 -1.85 -1.71 -27.07
CA VAL C 159 -1.17 -0.57 -26.52
C VAL C 159 -1.81 0.67 -27.09
N PHE C 160 -2.45 1.47 -26.26
CA PHE C 160 -3.12 2.66 -26.74
C PHE C 160 -2.23 3.88 -26.99
N ARG C 161 -1.42 4.28 -26.02
CA ARG C 161 -0.57 5.45 -26.19
C ARG C 161 0.11 5.81 -24.88
N PRO C 162 1.08 6.72 -24.92
CA PRO C 162 1.76 7.12 -23.70
C PRO C 162 0.78 8.03 -22.97
N VAL C 163 0.99 8.09 -21.66
CA VAL C 163 0.24 8.99 -20.84
C VAL C 163 0.79 10.33 -21.23
N MET C 164 0.01 11.23 -21.81
CA MET C 164 0.56 12.51 -22.25
C MET C 164 -0.01 13.76 -21.58
N VAL C 165 0.79 14.81 -21.62
CA VAL C 165 0.39 16.10 -21.09
C VAL C 165 0.82 17.14 -22.11
N GLY C 166 -0.13 17.96 -22.55
CA GLY C 166 0.16 18.99 -23.52
C GLY C 166 0.70 18.44 -24.82
N GLY C 167 0.27 17.24 -25.17
CA GLY C 167 0.72 16.61 -26.41
C GLY C 167 2.06 15.89 -26.32
N LYS C 168 2.74 15.99 -25.19
CA LYS C 168 4.02 15.32 -25.04
C LYS C 168 3.93 14.21 -24.00
N PRO C 169 4.73 13.16 -24.23
CA PRO C 169 4.82 12.03 -23.28
C PRO C 169 5.32 12.55 -21.93
N VAL C 170 4.70 12.17 -20.82
CA VAL C 170 5.21 12.63 -19.55
C VAL C 170 6.28 11.74 -18.94
N PRO C 171 7.51 12.24 -18.82
CA PRO C 171 8.58 11.43 -18.23
C PRO C 171 8.26 11.27 -16.73
N LEU C 172 8.41 10.04 -16.24
CA LEU C 172 8.12 9.72 -14.84
C LEU C 172 9.31 9.99 -13.94
N LYS C 173 9.01 10.11 -12.65
CA LYS C 173 10.03 10.33 -11.64
C LYS C 173 10.76 8.99 -11.53
N GLU C 174 12.04 9.00 -11.89
CA GLU C 174 12.86 7.81 -11.84
C GLU C 174 12.74 7.11 -10.49
N GLU C 175 12.88 7.88 -9.42
CA GLU C 175 12.80 7.31 -8.08
C GLU C 175 11.42 6.74 -7.82
N GLU C 176 10.37 7.49 -8.09
CA GLU C 176 9.07 6.95 -7.82
C GLU C 176 8.87 5.63 -8.56
N VAL C 177 9.42 5.54 -9.77
CA VAL C 177 9.28 4.32 -10.55
C VAL C 177 9.94 3.19 -9.76
N GLN C 178 11.22 3.36 -9.49
CA GLN C 178 12.00 2.37 -8.74
C GLN C 178 11.35 2.01 -7.40
N ASN C 179 10.96 3.02 -6.63
CA ASN C 179 10.33 2.75 -5.33
C ASN C 179 9.07 1.95 -5.53
N ILE C 180 8.26 2.36 -6.50
CA ILE C 180 7.02 1.65 -6.78
C ILE C 180 7.31 0.21 -7.20
N LEU C 181 8.29 0.03 -8.10
CA LEU C 181 8.61 -1.30 -8.57
C LEU C 181 9.24 -2.13 -7.44
N ASN C 182 10.11 -1.50 -6.64
CA ASN C 182 10.74 -2.22 -5.53
C ASN C 182 9.73 -2.54 -4.44
N GLN C 183 8.72 -1.69 -4.28
CA GLN C 183 7.70 -1.95 -3.26
C GLN C 183 6.87 -3.14 -3.73
N ILE C 184 6.53 -3.16 -5.02
CA ILE C 184 5.74 -4.25 -5.57
C ILE C 184 6.42 -5.60 -5.36
N LYS C 185 7.74 -5.64 -5.57
CA LYS C 185 8.52 -6.86 -5.41
C LYS C 185 8.48 -7.38 -3.98
N ARG C 186 8.48 -6.46 -3.01
CA ARG C 186 8.44 -6.83 -1.60
C ARG C 186 7.02 -7.21 -1.22
N GLY C 187 6.06 -6.94 -2.09
CA GLY C 187 4.62 -7.23 -1.92
C GLY C 187 4.12 -7.66 -0.53
N VAL C 188 4.15 -6.69 0.39
CA VAL C 188 3.68 -6.80 1.78
C VAL C 188 2.53 -7.78 1.97
N LYS C 189 2.64 -8.54 3.02
CA LYS C 189 1.62 -9.54 3.33
C LYS C 189 0.69 -8.96 4.38
N PRO C 190 -0.49 -8.48 3.95
CA PRO C 190 -1.48 -7.89 4.87
C PRO C 190 -1.65 -8.66 6.18
N SER C 191 -2.12 -7.95 7.21
CA SER C 191 -2.32 -8.52 8.53
C SER C 191 -3.76 -8.38 9.02
N LYS C 192 -4.47 -9.51 9.04
CA LYS C 192 -5.86 -9.57 9.48
C LYS C 192 -6.62 -8.32 9.06
N VAL C 193 -7.47 -7.83 9.95
CA VAL C 193 -8.24 -6.61 9.73
C VAL C 193 -8.34 -5.94 11.09
N GLU C 194 -7.94 -4.67 11.17
CA GLU C 194 -7.97 -3.95 12.44
C GLU C 194 -9.37 -3.38 12.75
N PHE C 195 -10.42 -4.13 12.38
CA PHE C 195 -11.81 -3.73 12.62
C PHE C 195 -12.80 -4.59 11.83
N GLU C 196 -13.84 -5.09 12.52
CA GLU C 196 -14.86 -5.93 11.90
C GLU C 196 -16.29 -5.54 12.27
N LYS C 197 -17.26 -6.18 11.61
CA LYS C 197 -18.68 -5.92 11.87
C LYS C 197 -19.02 -6.06 13.35
N GLY C 198 -19.70 -5.05 13.89
CA GLY C 198 -20.06 -5.07 15.30
C GLY C 198 -19.24 -4.09 16.12
N ASP C 199 -17.99 -3.88 15.72
CA ASP C 199 -17.12 -2.97 16.45
C ASP C 199 -17.78 -1.62 16.69
N GLN C 200 -17.41 -0.99 17.79
CA GLN C 200 -17.95 0.30 18.16
C GLN C 200 -16.81 1.29 18.16
N VAL C 201 -16.94 2.30 17.31
CA VAL C 201 -15.89 3.29 17.23
C VAL C 201 -16.46 4.68 17.36
N ARG C 202 -15.59 5.62 17.68
CA ARG C 202 -15.96 7.02 17.84
C ARG C 202 -15.28 7.87 16.78
N VAL C 203 -16.06 8.52 15.93
CA VAL C 203 -15.47 9.40 14.92
C VAL C 203 -14.63 10.42 15.69
N ILE C 204 -13.33 10.42 15.46
CA ILE C 204 -12.46 11.35 16.18
C ILE C 204 -11.90 12.43 15.26
N GLU C 205 -12.40 12.46 14.02
CA GLU C 205 -11.97 13.42 13.02
C GLU C 205 -13.11 13.72 12.03
N GLY C 206 -13.30 15.00 11.72
CA GLY C 206 -14.34 15.39 10.79
C GLY C 206 -15.63 15.86 11.45
N PRO C 207 -16.68 16.15 10.64
CA PRO C 207 -17.99 16.61 11.09
C PRO C 207 -18.70 15.67 12.07
N PHE C 208 -18.47 14.36 11.92
CA PHE C 208 -19.08 13.34 12.78
C PHE C 208 -18.30 13.20 14.07
N MET C 209 -17.19 13.91 14.19
CA MET C 209 -16.38 13.84 15.39
C MET C 209 -17.28 13.85 16.63
N ASN C 210 -16.85 13.13 17.66
CA ASN C 210 -17.59 12.99 18.93
C ASN C 210 -18.74 11.99 18.85
N PHE C 211 -19.23 11.72 17.64
CA PHE C 211 -20.45 10.91 17.45
C PHE C 211 -19.89 9.50 17.57
N THR C 212 -20.72 8.56 18.01
CA THR C 212 -20.27 7.17 18.12
C THR C 212 -21.18 6.30 17.27
N GLY C 213 -20.71 5.10 16.92
CA GLY C 213 -21.51 4.21 16.10
C GLY C 213 -20.97 2.79 16.01
N THR C 214 -21.64 1.96 15.22
CA THR C 214 -21.26 0.56 15.05
C THR C 214 -20.85 0.18 13.62
N VAL C 215 -19.66 -0.39 13.51
CA VAL C 215 -19.11 -0.82 12.22
C VAL C 215 -19.92 -1.96 11.65
N GLU C 216 -20.50 -1.75 10.48
CA GLU C 216 -21.29 -2.79 9.85
C GLU C 216 -20.50 -3.59 8.82
N GLU C 217 -19.98 -2.87 7.82
CA GLU C 217 -19.21 -3.47 6.73
C GLU C 217 -17.81 -2.86 6.65
N VAL C 218 -16.79 -3.70 6.66
CA VAL C 218 -15.42 -3.22 6.59
C VAL C 218 -14.90 -3.14 5.15
N HIS C 219 -13.96 -2.23 4.92
CA HIS C 219 -13.37 -2.04 3.60
C HIS C 219 -11.84 -2.08 3.60
N PRO C 220 -11.24 -3.19 4.06
CA PRO C 220 -9.78 -3.30 4.10
C PRO C 220 -9.21 -3.62 2.71
N GLU C 221 -9.46 -2.72 1.78
CA GLU C 221 -8.98 -2.85 0.40
C GLU C 221 -8.99 -1.43 -0.15
N LYS C 222 -9.99 -0.67 0.28
CA LYS C 222 -10.17 0.73 -0.12
C LYS C 222 -9.89 1.59 1.12
N ARG C 223 -9.47 0.93 2.19
CA ARG C 223 -9.14 1.60 3.45
C ARG C 223 -10.23 2.58 3.93
N LYS C 224 -11.38 2.04 4.31
CA LYS C 224 -12.51 2.84 4.78
C LYS C 224 -13.40 1.92 5.61
N LEU C 225 -14.63 2.35 5.87
CA LEU C 225 -15.61 1.57 6.63
C LEU C 225 -16.98 2.25 6.71
N THR C 226 -18.03 1.43 6.66
CA THR C 226 -19.41 1.88 6.72
C THR C 226 -19.91 1.75 8.16
N VAL C 227 -20.12 2.88 8.84
CA VAL C 227 -20.56 2.85 10.23
C VAL C 227 -21.94 3.45 10.49
N MET C 228 -22.78 2.65 11.15
CA MET C 228 -24.14 3.05 11.53
C MET C 228 -24.14 4.02 12.69
N ILE C 229 -24.66 5.20 12.46
CA ILE C 229 -24.71 6.19 13.51
C ILE C 229 -26.18 6.52 13.71
N SER C 230 -26.55 6.82 14.94
CA SER C 230 -27.91 7.21 15.25
C SER C 230 -27.99 8.75 15.22
N ILE C 231 -28.85 9.30 14.38
CA ILE C 231 -28.99 10.75 14.34
C ILE C 231 -30.49 10.91 14.36
N PHE C 232 -31.01 11.54 15.41
CA PHE C 232 -32.44 11.70 15.56
C PHE C 232 -33.16 10.32 15.55
N GLY C 233 -32.54 9.31 16.16
CA GLY C 233 -33.15 7.98 16.25
C GLY C 233 -33.19 7.13 15.02
N ARG C 234 -32.62 7.65 13.93
CA ARG C 234 -32.56 6.96 12.65
C ARG C 234 -31.15 6.43 12.37
N MET C 235 -31.04 5.12 12.20
CA MET C 235 -29.75 4.50 11.92
C MET C 235 -29.32 4.91 10.52
N THR C 236 -28.39 5.87 10.48
CA THR C 236 -27.86 6.43 9.25
C THR C 236 -26.55 5.77 8.82
N PRO C 237 -26.42 5.46 7.52
CA PRO C 237 -25.25 4.84 6.90
C PRO C 237 -24.17 5.88 6.64
N VAL C 238 -23.06 5.78 7.36
CA VAL C 238 -21.97 6.73 7.21
C VAL C 238 -20.73 6.00 6.74
N GLU C 239 -19.81 6.73 6.15
CA GLU C 239 -18.59 6.11 5.65
C GLU C 239 -17.35 6.90 6.06
N LEU C 240 -16.39 6.21 6.67
CA LEU C 240 -15.16 6.85 7.12
C LEU C 240 -13.91 5.98 6.85
N ASP C 241 -12.81 6.62 6.46
CA ASP C 241 -11.57 5.91 6.14
C ASP C 241 -10.66 5.84 7.37
N PHE C 242 -11.19 5.28 8.46
CA PHE C 242 -10.42 5.20 9.69
C PHE C 242 -10.23 6.64 10.19
N ASP C 243 -11.36 7.35 10.33
CA ASP C 243 -11.42 8.72 10.83
C ASP C 243 -11.76 8.60 12.32
N GLN C 244 -11.88 7.36 12.78
CA GLN C 244 -12.26 7.13 14.16
C GLN C 244 -11.36 6.26 15.05
N VAL C 245 -11.65 6.33 16.34
CA VAL C 245 -10.94 5.58 17.38
C VAL C 245 -11.92 4.50 17.85
N GLU C 246 -11.43 3.47 18.53
CA GLU C 246 -12.29 2.39 18.99
C GLU C 246 -12.57 2.48 20.49
N LYS C 247 -13.84 2.36 20.86
CA LYS C 247 -14.24 2.43 22.25
C LYS C 247 -14.72 1.08 22.77
N VAL D 6 -20.62 40.06 -10.46
CA VAL D 6 -19.65 41.07 -10.98
C VAL D 6 -19.56 41.05 -12.51
N GLN D 7 -19.44 39.86 -13.09
CA GLN D 7 -19.30 39.72 -14.53
C GLN D 7 -20.50 39.20 -15.33
N GLU D 8 -21.44 38.49 -14.71
CA GLU D 8 -22.58 37.98 -15.47
C GLU D 8 -23.80 38.88 -15.33
N LEU D 9 -24.34 39.29 -16.47
CA LEU D 9 -25.53 40.15 -16.51
C LEU D 9 -26.67 39.28 -16.00
N GLU D 10 -27.23 39.69 -14.87
CA GLU D 10 -28.30 38.91 -14.25
C GLU D 10 -29.63 38.87 -14.95
N LYS D 11 -30.27 37.72 -14.83
CA LYS D 11 -31.58 37.49 -15.41
C LYS D 11 -32.61 37.89 -14.36
N LYS D 12 -33.87 38.06 -14.79
CA LYS D 12 -34.93 38.47 -13.87
C LYS D 12 -36.13 37.58 -13.98
N TRP D 13 -36.95 37.61 -12.94
CA TRP D 13 -38.15 36.80 -12.89
C TRP D 13 -39.29 37.56 -13.52
N TYR D 14 -40.08 36.84 -14.30
CA TYR D 14 -41.23 37.45 -14.91
C TYR D 14 -42.38 36.45 -14.80
N ALA D 15 -43.59 37.01 -14.77
CA ALA D 15 -44.77 36.18 -14.67
C ALA D 15 -45.45 36.09 -16.06
N LEU D 16 -45.61 34.88 -16.58
CA LEU D 16 -46.29 34.72 -17.87
C LEU D 16 -47.71 34.26 -17.59
N GLN D 17 -48.67 34.90 -18.23
CA GLN D 17 -50.07 34.54 -18.10
C GLN D 17 -50.24 33.49 -19.17
N VAL D 18 -50.76 32.32 -18.79
CA VAL D 18 -50.95 31.24 -19.73
C VAL D 18 -52.36 30.64 -19.51
N GLU D 19 -52.85 29.94 -20.52
CA GLU D 19 -54.19 29.37 -20.48
C GLU D 19 -54.46 28.56 -19.22
N PRO D 20 -55.45 28.97 -18.42
CA PRO D 20 -55.76 28.22 -17.20
C PRO D 20 -56.07 26.78 -17.54
N GLY D 21 -55.51 25.85 -16.78
CA GLY D 21 -55.77 24.45 -17.06
C GLY D 21 -54.82 23.88 -18.09
N LYS D 22 -54.12 24.74 -18.83
CA LYS D 22 -53.17 24.22 -19.82
C LYS D 22 -51.73 24.65 -19.52
N GLU D 23 -51.44 24.94 -18.26
CA GLU D 23 -50.11 25.38 -17.87
C GLU D 23 -48.97 24.40 -18.22
N ASN D 24 -49.20 23.10 -18.05
CA ASN D 24 -48.14 22.15 -18.38
C ASN D 24 -47.87 22.16 -19.86
N GLU D 25 -48.92 22.31 -20.66
CA GLU D 25 -48.74 22.33 -22.10
C GLU D 25 -48.07 23.63 -22.59
N ALA D 26 -48.39 24.74 -21.93
CA ALA D 26 -47.78 26.03 -22.30
C ALA D 26 -46.26 25.96 -22.03
N LYS D 27 -45.89 25.39 -20.90
CA LYS D 27 -44.46 25.24 -20.57
C LYS D 27 -43.71 24.41 -21.61
N GLU D 28 -44.30 23.26 -21.99
CA GLU D 28 -43.65 22.42 -22.99
C GLU D 28 -43.61 23.13 -24.35
N ASN D 29 -44.66 23.88 -24.67
CA ASN D 29 -44.64 24.63 -25.92
C ASN D 29 -43.57 25.71 -25.80
N LEU D 30 -43.42 26.32 -24.62
CA LEU D 30 -42.40 27.38 -24.47
C LEU D 30 -40.98 26.79 -24.63
N LEU D 31 -40.70 25.66 -23.98
CA LEU D 31 -39.38 25.03 -24.10
C LEU D 31 -39.08 24.72 -25.57
N LYS D 32 -40.06 24.19 -26.31
CA LYS D 32 -39.84 23.92 -27.74
C LYS D 32 -39.56 25.20 -28.55
N VAL D 33 -40.20 26.30 -28.19
CA VAL D 33 -39.97 27.58 -28.90
C VAL D 33 -38.55 28.09 -28.58
N LEU D 34 -38.17 28.03 -27.31
CA LEU D 34 -36.82 28.49 -26.97
C LEU D 34 -35.78 27.71 -27.79
N GLU D 35 -35.99 26.40 -27.94
CA GLU D 35 -35.07 25.53 -28.69
C GLU D 35 -35.06 25.92 -30.17
N LEU D 36 -36.25 26.02 -30.74
CA LEU D 36 -36.34 26.39 -32.13
C LEU D 36 -35.82 27.80 -32.45
N GLU D 37 -36.10 28.78 -31.60
CA GLU D 37 -35.64 30.14 -31.90
C GLU D 37 -34.23 30.46 -31.43
N GLY D 38 -33.53 29.45 -30.90
CA GLY D 38 -32.17 29.66 -30.44
C GLY D 38 -32.07 30.56 -29.24
N LEU D 39 -33.01 30.42 -28.32
CA LEU D 39 -33.07 31.31 -27.17
C LEU D 39 -32.85 30.70 -25.80
N LYS D 40 -32.56 29.40 -25.74
CA LYS D 40 -32.34 28.73 -24.47
C LYS D 40 -31.38 29.43 -23.51
N ASP D 41 -30.32 30.05 -24.02
CA ASP D 41 -29.32 30.73 -23.17
C ASP D 41 -29.87 31.98 -22.45
N LEU D 42 -31.00 32.48 -22.92
CA LEU D 42 -31.58 33.66 -22.27
C LEU D 42 -32.50 33.32 -21.10
N VAL D 43 -32.81 32.04 -20.92
CA VAL D 43 -33.72 31.60 -19.84
C VAL D 43 -33.10 30.54 -18.91
N ASP D 44 -33.09 30.80 -17.61
CA ASP D 44 -32.54 29.81 -16.72
C ASP D 44 -33.56 28.97 -15.95
N GLU D 45 -34.81 29.45 -15.87
CA GLU D 45 -35.86 28.73 -15.13
C GLU D 45 -37.23 28.97 -15.75
N VAL D 46 -38.01 27.90 -15.86
CA VAL D 46 -39.36 27.97 -16.35
C VAL D 46 -40.09 27.07 -15.36
N ILE D 47 -40.85 27.70 -14.48
CA ILE D 47 -41.54 27.00 -13.43
C ILE D 47 -43.03 27.23 -13.41
N VAL D 48 -43.78 26.13 -13.26
CA VAL D 48 -45.25 26.16 -13.12
C VAL D 48 -45.44 26.23 -11.61
N PRO D 49 -46.00 27.35 -11.11
CA PRO D 49 -46.23 27.58 -9.68
C PRO D 49 -47.31 26.70 -9.08
N ALA D 50 -47.02 25.41 -8.98
CA ALA D 50 -47.96 24.46 -8.41
C ALA D 50 -47.17 23.50 -7.55
N GLU D 51 -47.83 22.96 -6.53
CA GLU D 51 -47.19 22.02 -5.62
C GLU D 51 -47.03 20.65 -6.26
N GLU D 52 -45.95 19.97 -5.95
CA GLU D 52 -45.77 18.63 -6.49
C GLU D 52 -46.48 17.68 -5.52
N LYS D 53 -47.34 16.83 -6.06
CA LYS D 53 -48.07 15.90 -5.20
C LYS D 53 -47.96 14.47 -5.68
N VAL D 54 -48.29 13.54 -4.79
CA VAL D 54 -48.23 12.12 -5.11
C VAL D 54 -49.63 11.58 -5.22
N VAL D 55 -49.97 11.07 -6.39
CA VAL D 55 -51.28 10.51 -6.52
C VAL D 55 -51.09 9.01 -6.45
N ILE D 56 -51.80 8.40 -5.52
CA ILE D 56 -51.73 6.95 -5.33
C ILE D 56 -53.05 6.34 -5.78
N ARG D 57 -52.94 5.36 -6.66
CA ARG D 57 -54.13 4.74 -7.18
C ARG D 57 -54.11 3.25 -7.04
N ALA D 58 -55.30 2.68 -6.94
CA ALA D 58 -55.43 1.26 -6.81
C ALA D 58 -56.56 0.85 -7.75
N GLN D 59 -56.24 -0.02 -8.69
CA GLN D 59 -57.19 -0.51 -9.68
C GLN D 59 -57.97 0.65 -10.27
N GLY D 60 -57.25 1.62 -10.80
CA GLY D 60 -57.90 2.76 -11.42
C GLY D 60 -58.38 3.93 -10.57
N LYS D 61 -58.64 3.71 -9.28
CA LYS D 61 -59.13 4.83 -8.49
C LYS D 61 -58.14 5.52 -7.56
N GLU D 62 -58.12 6.83 -7.62
CA GLU D 62 -57.25 7.61 -6.78
C GLU D 62 -57.63 7.37 -5.32
N LYS D 63 -56.65 7.04 -4.49
CA LYS D 63 -56.93 6.79 -3.09
C LYS D 63 -56.33 7.92 -2.24
N TYR D 64 -55.23 8.49 -2.71
CA TYR D 64 -54.58 9.60 -2.01
C TYR D 64 -53.92 10.55 -3.00
N ARG D 65 -53.80 11.78 -2.53
CA ARG D 65 -53.14 12.85 -3.24
C ARG D 65 -52.42 13.60 -2.14
N LEU D 66 -51.15 13.35 -1.95
CA LEU D 66 -50.40 13.92 -0.82
C LEU D 66 -49.24 14.80 -1.29
N SER D 67 -48.78 15.68 -0.42
CA SER D 67 -47.65 16.54 -0.75
C SER D 67 -46.42 15.69 -0.97
N LEU D 68 -45.58 16.05 -1.93
CA LEU D 68 -44.36 15.28 -2.17
C LEU D 68 -43.35 15.61 -1.07
N LYS D 69 -43.36 16.86 -0.62
CA LYS D 69 -42.48 17.34 0.45
C LYS D 69 -43.25 17.24 1.77
N GLY D 70 -42.54 16.86 2.83
CA GLY D 70 -43.14 16.72 4.14
C GLY D 70 -42.38 15.66 4.91
N ASN D 71 -42.92 15.26 6.05
CA ASN D 71 -42.27 14.23 6.86
C ASN D 71 -42.39 12.84 6.18
N ALA D 72 -41.46 11.95 6.48
CA ALA D 72 -41.48 10.59 5.94
C ALA D 72 -42.82 9.95 6.28
N ARG D 73 -43.49 9.39 5.27
CA ARG D 73 -44.80 8.74 5.43
C ARG D 73 -44.93 7.46 4.60
N ASP D 74 -45.53 6.42 5.18
CA ASP D 74 -45.80 5.17 4.47
C ASP D 74 -47.31 5.14 4.23
N ILE D 75 -47.72 4.73 3.05
CA ILE D 75 -49.14 4.68 2.73
C ILE D 75 -49.42 3.34 2.05
N SER D 76 -50.36 2.57 2.62
CA SER D 76 -50.74 1.25 2.12
C SER D 76 -52.11 1.27 1.46
N VAL D 77 -52.22 0.63 0.32
CA VAL D 77 -53.52 0.53 -0.36
C VAL D 77 -53.77 -0.92 -0.77
N LEU D 78 -55.05 -1.32 -0.78
CA LEU D 78 -55.48 -2.66 -1.21
C LEU D 78 -55.76 -2.61 -2.71
N GLY D 79 -55.10 -3.49 -3.46
CA GLY D 79 -55.28 -3.55 -4.90
C GLY D 79 -56.01 -4.82 -5.29
N LYS D 80 -55.66 -5.36 -6.44
CA LYS D 80 -56.27 -6.57 -6.97
C LYS D 80 -55.92 -7.81 -6.14
N LYS D 81 -54.65 -7.94 -5.74
CA LYS D 81 -54.26 -9.12 -4.99
C LYS D 81 -53.96 -8.97 -3.51
N GLY D 82 -53.61 -7.76 -3.07
CA GLY D 82 -53.28 -7.55 -1.67
C GLY D 82 -52.80 -6.12 -1.43
N VAL D 83 -51.79 -5.96 -0.59
CA VAL D 83 -51.31 -4.63 -0.22
C VAL D 83 -50.04 -4.11 -0.90
N THR D 84 -50.06 -2.83 -1.24
CA THR D 84 -48.87 -2.19 -1.82
C THR D 84 -48.64 -1.03 -0.87
N THR D 85 -47.46 -0.95 -0.29
CA THR D 85 -47.19 0.18 0.60
C THR D 85 -46.09 1.00 -0.09
N PHE D 86 -46.35 2.29 -0.18
CA PHE D 86 -45.46 3.24 -0.83
C PHE D 86 -44.85 4.09 0.27
N ARG D 87 -43.66 4.62 0.03
CA ARG D 87 -43.03 5.50 1.01
C ARG D 87 -42.68 6.84 0.35
N ILE D 88 -43.10 7.93 0.97
CA ILE D 88 -42.78 9.27 0.47
C ILE D 88 -41.84 9.85 1.52
N GLU D 89 -40.62 10.10 1.11
CA GLU D 89 -39.64 10.64 2.05
C GLU D 89 -38.53 11.37 1.30
N ASN D 90 -38.05 12.48 1.88
CA ASN D 90 -36.98 13.26 1.25
C ASN D 90 -37.31 13.71 -0.16
N GLY D 91 -38.56 14.05 -0.41
CA GLY D 91 -38.90 14.50 -1.75
C GLY D 91 -38.97 13.43 -2.80
N GLU D 92 -38.98 12.16 -2.39
CA GLU D 92 -39.09 11.08 -3.37
C GLU D 92 -40.05 9.95 -2.93
N VAL D 93 -40.45 9.14 -3.89
CA VAL D 93 -41.42 8.08 -3.61
C VAL D 93 -40.90 6.77 -4.09
N LYS D 94 -41.10 5.71 -3.30
CA LYS D 94 -40.69 4.39 -3.76
C LYS D 94 -41.67 3.40 -3.17
N VAL D 95 -41.61 2.17 -3.69
CA VAL D 95 -42.46 1.10 -3.17
C VAL D 95 -41.64 0.37 -2.10
N VAL D 96 -42.22 0.22 -0.92
CA VAL D 96 -41.52 -0.46 0.17
C VAL D 96 -41.88 -1.94 0.13
N GLU D 97 -43.10 -2.24 -0.24
CA GLU D 97 -43.51 -3.64 -0.29
C GLU D 97 -44.74 -3.82 -1.16
N SER D 98 -44.84 -4.98 -1.81
CA SER D 98 -46.04 -5.24 -2.59
C SER D 98 -46.27 -6.75 -2.66
N VAL D 99 -47.27 -7.17 -3.42
CA VAL D 99 -47.58 -8.58 -3.47
C VAL D 99 -46.61 -9.42 -4.30
N GLU D 100 -46.71 -10.73 -4.11
CA GLU D 100 -45.91 -11.62 -4.85
C GLU D 100 -46.27 -11.39 -6.32
N GLY D 101 -45.27 -11.25 -7.16
CA GLY D 101 -45.53 -11.01 -8.57
C GLY D 101 -45.04 -9.60 -8.91
N ASP D 102 -45.24 -8.68 -7.99
CA ASP D 102 -44.78 -7.32 -8.26
C ASP D 102 -43.28 -7.24 -8.13
N THR D 103 -42.64 -6.49 -9.01
CA THR D 103 -41.21 -6.27 -8.99
C THR D 103 -40.98 -4.76 -8.83
N CYS D 104 -42.09 -4.02 -8.63
CA CYS D 104 -42.03 -2.57 -8.48
C CYS D 104 -41.25 -2.14 -7.22
N VAL D 105 -41.04 -3.07 -6.27
CA VAL D 105 -40.25 -2.74 -5.07
C VAL D 105 -38.84 -2.43 -5.50
N ASN D 106 -38.45 -2.88 -6.68
CA ASN D 106 -37.12 -2.63 -7.19
C ASN D 106 -37.00 -1.36 -8.03
N ALA D 107 -38.13 -0.73 -8.35
CA ALA D 107 -38.08 0.50 -9.13
C ALA D 107 -37.38 1.60 -8.35
N PRO D 108 -36.45 2.29 -9.01
CA PRO D 108 -35.73 3.36 -8.33
C PRO D 108 -36.76 4.40 -7.91
N PRO D 109 -36.47 5.14 -6.85
CA PRO D 109 -37.34 6.20 -6.28
C PRO D 109 -37.53 7.28 -7.32
N ILE D 110 -38.76 7.79 -7.46
CA ILE D 110 -39.04 8.87 -8.43
C ILE D 110 -39.24 10.16 -7.68
N SER D 111 -39.12 11.29 -8.38
CA SER D 111 -39.26 12.61 -7.74
C SER D 111 -39.72 13.76 -8.64
N LYS D 112 -40.01 13.48 -9.90
CA LYS D 112 -40.42 14.56 -10.80
C LYS D 112 -41.80 14.36 -11.40
N PRO D 113 -42.54 15.47 -11.54
CA PRO D 113 -43.89 15.44 -12.12
C PRO D 113 -43.80 14.64 -13.42
N GLY D 114 -44.74 13.73 -13.63
CA GLY D 114 -44.70 12.92 -14.82
C GLY D 114 -44.19 11.53 -14.53
N GLN D 115 -43.29 11.39 -13.55
CA GLN D 115 -42.76 10.08 -13.21
C GLN D 115 -43.79 9.27 -12.43
N LYS D 116 -43.70 7.94 -12.56
CA LYS D 116 -44.60 7.07 -11.81
C LYS D 116 -43.98 5.70 -11.59
N ILE D 117 -44.55 4.95 -10.67
CA ILE D 117 -44.13 3.58 -10.42
C ILE D 117 -45.42 2.79 -10.43
N THR D 118 -45.45 1.80 -11.30
CA THR D 118 -46.63 0.97 -11.44
C THR D 118 -46.35 -0.44 -10.99
N CYS D 119 -47.27 -1.00 -10.21
CA CYS D 119 -47.19 -2.38 -9.73
C CYS D 119 -48.28 -3.11 -10.50
N LYS D 120 -47.86 -3.74 -11.58
CA LYS D 120 -48.79 -4.41 -12.48
C LYS D 120 -49.57 -5.57 -11.90
N GLU D 121 -48.97 -6.31 -10.96
CA GLU D 121 -49.65 -7.43 -10.34
C GLU D 121 -50.76 -7.01 -9.40
N ASN D 122 -50.50 -6.02 -8.56
CA ASN D 122 -51.51 -5.58 -7.60
C ASN D 122 -52.36 -4.46 -8.15
N LYS D 123 -51.97 -3.99 -9.32
CA LYS D 123 -52.68 -2.91 -10.01
C LYS D 123 -52.64 -1.60 -9.21
N THR D 124 -51.49 -1.24 -8.68
CA THR D 124 -51.40 -0.03 -7.92
C THR D 124 -50.37 0.85 -8.53
N GLU D 125 -50.36 2.10 -8.12
CA GLU D 125 -49.43 3.05 -8.70
C GLU D 125 -49.28 4.34 -7.90
N ALA D 126 -48.10 4.94 -8.01
CA ALA D 126 -47.83 6.22 -7.37
C ALA D 126 -47.30 7.04 -8.51
N LYS D 127 -47.86 8.25 -8.67
CA LYS D 127 -47.43 9.14 -9.73
C LYS D 127 -47.24 10.50 -9.13
N ILE D 128 -46.22 11.20 -9.61
CA ILE D 128 -46.00 12.55 -9.14
C ILE D 128 -46.63 13.46 -10.19
N VAL D 129 -47.35 14.48 -9.72
CA VAL D 129 -48.01 15.44 -10.59
C VAL D 129 -47.93 16.84 -9.98
N LEU D 130 -48.29 17.86 -10.78
CA LEU D 130 -48.34 19.24 -10.29
C LEU D 130 -49.80 19.47 -10.00
N ASP D 131 -50.11 19.89 -8.78
CA ASP D 131 -51.50 20.12 -8.39
C ASP D 131 -51.73 21.61 -8.59
N ASN D 132 -52.22 21.98 -9.76
CA ASN D 132 -52.40 23.39 -10.08
C ASN D 132 -53.70 24.01 -9.62
N LYS D 133 -53.79 24.29 -8.33
CA LYS D 133 -55.01 24.85 -7.81
C LYS D 133 -54.85 26.12 -7.05
N ILE D 134 -53.61 26.48 -6.76
CA ILE D 134 -53.33 27.70 -5.99
C ILE D 134 -53.09 28.95 -6.86
N PHE D 135 -52.25 28.82 -7.88
CA PHE D 135 -51.88 29.92 -8.79
C PHE D 135 -52.09 29.51 -10.24
N PRO D 136 -53.30 29.15 -10.62
CA PRO D 136 -53.58 28.75 -12.01
C PRO D 136 -53.36 29.84 -13.03
N GLY D 137 -52.97 29.46 -14.25
CA GLY D 137 -52.77 30.42 -15.33
C GLY D 137 -51.50 31.23 -15.33
N TYR D 138 -50.46 30.70 -14.70
CA TYR D 138 -49.18 31.39 -14.64
C TYR D 138 -48.02 30.42 -14.80
N ILE D 139 -46.94 30.93 -15.32
CA ILE D 139 -45.69 30.24 -15.44
C ILE D 139 -44.70 31.30 -15.04
N LEU D 140 -43.67 30.97 -14.25
CA LEU D 140 -42.67 31.96 -13.86
C LEU D 140 -41.39 31.63 -14.65
N ILE D 141 -40.74 32.63 -15.21
CA ILE D 141 -39.49 32.37 -15.92
C ILE D 141 -38.46 33.33 -15.43
N LYS D 142 -37.21 32.87 -15.35
CA LYS D 142 -36.12 33.70 -14.94
C LYS D 142 -35.35 33.84 -16.24
N ALA D 143 -35.32 35.07 -16.75
CA ALA D 143 -34.69 35.25 -18.04
C ALA D 143 -34.17 36.68 -18.26
N HIS D 144 -33.44 36.83 -19.36
CA HIS D 144 -32.99 38.10 -19.84
C HIS D 144 -34.01 38.49 -20.88
N MET D 145 -34.94 39.34 -20.51
CA MET D 145 -36.00 39.76 -21.42
C MET D 145 -35.53 40.74 -22.49
N ASN D 146 -35.80 40.40 -23.75
CA ASN D 146 -35.44 41.27 -24.88
C ASN D 146 -36.59 41.15 -25.87
N ASP D 147 -36.58 41.96 -26.92
CA ASP D 147 -37.68 41.93 -27.87
C ASP D 147 -37.89 40.57 -28.49
N LYS D 148 -36.82 39.90 -28.87
CA LYS D 148 -36.99 38.59 -29.50
C LYS D 148 -37.60 37.54 -28.57
N LEU D 149 -37.19 37.52 -27.31
CA LEU D 149 -37.71 36.57 -26.34
C LEU D 149 -39.21 36.90 -26.08
N LEU D 150 -39.51 38.19 -25.96
CA LEU D 150 -40.88 38.62 -25.70
C LEU D 150 -41.76 38.13 -26.84
N MET D 151 -41.28 38.35 -28.06
CA MET D 151 -42.06 37.93 -29.22
C MET D 151 -42.19 36.44 -29.28
N ALA D 152 -41.13 35.72 -28.93
CA ALA D 152 -41.18 34.27 -28.91
C ALA D 152 -42.24 33.84 -27.87
N ILE D 153 -42.14 34.36 -26.66
CA ILE D 153 -43.13 34.03 -25.62
C ILE D 153 -44.56 34.32 -26.09
N GLU D 154 -44.76 35.47 -26.68
CA GLU D 154 -46.08 35.90 -27.14
C GLU D 154 -46.71 35.13 -28.29
N LYS D 155 -45.91 34.33 -28.99
CA LYS D 155 -46.47 33.50 -30.04
C LYS D 155 -46.47 32.01 -29.65
N THR D 156 -46.21 31.73 -28.39
CA THR D 156 -46.19 30.34 -27.94
C THR D 156 -47.63 29.91 -27.64
N PRO D 157 -48.12 28.83 -28.31
CA PRO D 157 -49.49 28.37 -28.08
C PRO D 157 -49.76 28.16 -26.58
N HIS D 158 -50.92 28.63 -26.13
CA HIS D 158 -51.37 28.56 -24.74
C HIS D 158 -50.69 29.58 -23.86
N VAL D 159 -49.88 30.43 -24.45
CA VAL D 159 -49.27 31.48 -23.65
C VAL D 159 -49.90 32.77 -24.14
N PHE D 160 -50.36 33.60 -23.22
CA PHE D 160 -50.94 34.88 -23.64
C PHE D 160 -49.76 35.87 -23.71
N ARG D 161 -49.32 36.33 -22.55
CA ARG D 161 -48.17 37.20 -22.49
C ARG D 161 -47.80 37.50 -21.04
N PRO D 162 -46.61 38.06 -20.83
CA PRO D 162 -46.19 38.38 -19.46
C PRO D 162 -47.03 39.51 -18.88
N VAL D 163 -47.10 39.53 -17.56
CA VAL D 163 -47.79 40.56 -16.80
C VAL D 163 -46.95 41.81 -17.12
N MET D 164 -47.63 42.91 -17.37
CA MET D 164 -46.95 44.15 -17.75
C MET D 164 -47.20 45.33 -16.83
N VAL D 165 -46.32 46.32 -16.93
CA VAL D 165 -46.43 47.57 -16.20
C VAL D 165 -45.79 48.55 -17.16
N GLY D 166 -46.50 49.63 -17.48
CA GLY D 166 -45.91 50.57 -18.43
C GLY D 166 -45.62 49.95 -19.79
N GLY D 167 -46.49 49.04 -20.25
CA GLY D 167 -46.31 48.40 -21.54
C GLY D 167 -45.05 47.57 -21.72
N LYS D 168 -44.54 47.02 -20.62
CA LYS D 168 -43.31 46.23 -20.64
C LYS D 168 -43.41 45.18 -19.54
N PRO D 169 -42.89 43.98 -19.80
CA PRO D 169 -42.98 42.95 -18.74
C PRO D 169 -42.43 43.49 -17.43
N VAL D 170 -43.10 43.21 -16.32
CA VAL D 170 -42.64 43.68 -15.02
C VAL D 170 -41.81 42.60 -14.32
N PRO D 171 -40.53 43.00 -13.97
CA PRO D 171 -39.66 42.04 -13.23
C PRO D 171 -40.25 41.73 -11.89
N LEU D 172 -40.16 40.53 -11.38
CA LEU D 172 -40.64 40.29 -10.02
C LEU D 172 -39.41 40.23 -9.11
N LYS D 173 -39.47 40.87 -7.95
CA LYS D 173 -38.34 40.84 -7.03
C LYS D 173 -38.13 39.40 -6.59
N GLU D 174 -36.87 39.05 -6.37
CA GLU D 174 -36.55 37.70 -5.94
C GLU D 174 -37.42 37.34 -4.71
N GLU D 175 -37.65 38.30 -3.83
CA GLU D 175 -38.46 38.03 -2.63
C GLU D 175 -39.92 37.64 -2.93
N GLU D 176 -40.54 38.31 -3.91
CA GLU D 176 -41.91 37.98 -4.28
C GLU D 176 -41.94 36.52 -4.74
N VAL D 177 -40.97 36.16 -5.57
CA VAL D 177 -40.92 34.82 -6.10
C VAL D 177 -40.73 33.73 -5.00
N GLN D 178 -39.81 33.93 -4.07
CA GLN D 178 -39.59 32.93 -3.03
C GLN D 178 -40.85 32.79 -2.16
N ASN D 179 -41.49 33.92 -1.90
CA ASN D 179 -42.72 33.91 -1.11
C ASN D 179 -43.73 33.04 -1.84
N ILE D 180 -43.97 33.35 -3.12
CA ILE D 180 -44.93 32.59 -3.92
C ILE D 180 -44.60 31.11 -3.88
N LEU D 181 -43.35 30.78 -4.16
CA LEU D 181 -42.89 29.39 -4.19
C LEU D 181 -42.99 28.67 -2.84
N ASN D 182 -42.72 29.39 -1.77
CA ASN D 182 -42.79 28.73 -0.48
C ASN D 182 -44.20 28.28 -0.10
N GLN D 183 -45.22 28.98 -0.61
CA GLN D 183 -46.59 28.62 -0.30
C GLN D 183 -47.00 27.29 -0.88
N ILE D 184 -46.23 26.80 -1.85
CA ILE D 184 -46.53 25.54 -2.54
C ILE D 184 -45.40 24.52 -2.44
N LYS D 185 -44.50 24.71 -1.47
CA LYS D 185 -43.37 23.81 -1.27
C LYS D 185 -42.69 23.57 -2.61
N ARG D 186 -42.33 24.66 -3.27
CA ARG D 186 -41.65 24.56 -4.55
C ARG D 186 -40.34 25.34 -4.55
N GLY D 187 -39.98 25.89 -3.40
CA GLY D 187 -38.73 26.62 -3.32
C GLY D 187 -37.52 25.71 -3.14
N VAL D 188 -37.06 25.09 -4.23
CA VAL D 188 -35.90 24.21 -4.19
C VAL D 188 -34.68 25.03 -3.74
N LYS D 189 -34.02 24.76 -2.55
CA LYS D 189 -32.81 25.57 -2.10
C LYS D 189 -31.71 24.77 -1.39
N PRO D 190 -31.59 23.40 -1.64
CA PRO D 190 -30.60 22.70 -0.77
C PRO D 190 -29.24 23.12 -1.17
N SER D 191 -28.59 24.09 -0.61
CA SER D 191 -27.28 24.37 -1.24
C SER D 191 -26.70 23.13 -1.98
N LYS D 192 -26.24 23.37 -3.21
CA LYS D 192 -25.63 22.32 -4.01
C LYS D 192 -24.44 21.72 -3.26
N VAL D 193 -24.13 22.30 -2.10
CA VAL D 193 -23.03 21.86 -1.26
C VAL D 193 -23.02 20.34 -1.10
N GLU D 194 -21.92 19.73 -1.54
CA GLU D 194 -21.74 18.28 -1.47
C GLU D 194 -20.58 17.89 -2.38
N PHE D 195 -20.18 18.82 -3.25
CA PHE D 195 -19.07 18.60 -4.20
C PHE D 195 -17.81 18.09 -3.49
N GLU D 196 -16.82 18.97 -3.36
CA GLU D 196 -15.56 18.65 -2.68
C GLU D 196 -14.58 19.79 -2.96
N LYS D 197 -13.43 19.77 -2.28
CA LYS D 197 -12.42 20.80 -2.45
C LYS D 197 -11.26 20.62 -1.47
N GLY D 198 -10.09 20.27 -2.01
CA GLY D 198 -8.91 20.03 -1.18
C GLY D 198 -8.91 18.58 -0.75
N ASP D 199 -9.89 17.84 -1.24
CA ASP D 199 -10.06 16.42 -0.93
C ASP D 199 -9.17 15.50 -1.75
N GLN D 200 -9.31 14.19 -1.51
CA GLN D 200 -8.55 13.16 -2.22
C GLN D 200 -9.46 12.38 -3.16
N VAL D 201 -9.49 12.77 -4.42
CA VAL D 201 -10.31 12.09 -5.40
C VAL D 201 -9.46 11.05 -6.15
N ARG D 202 -10.12 10.19 -6.90
CA ARG D 202 -9.44 9.14 -7.67
C ARG D 202 -10.13 9.03 -9.02
N VAL D 203 -9.33 8.98 -10.08
CA VAL D 203 -9.90 8.89 -11.42
C VAL D 203 -10.43 7.48 -11.68
N ILE D 204 -11.01 7.28 -12.87
CA ILE D 204 -11.58 6.01 -13.28
C ILE D 204 -11.78 5.99 -14.80
N GLU D 205 -11.97 7.17 -15.39
CA GLU D 205 -12.15 7.26 -16.83
C GLU D 205 -11.24 8.34 -17.43
N GLY D 206 -10.80 8.11 -18.66
CA GLY D 206 -9.92 9.07 -19.33
C GLY D 206 -8.47 8.64 -19.49
N PRO D 207 -7.62 9.51 -20.07
CA PRO D 207 -6.20 9.19 -20.26
C PRO D 207 -5.48 9.05 -18.93
N PHE D 208 -6.19 9.37 -17.85
CA PHE D 208 -5.65 9.30 -16.51
C PHE D 208 -6.43 8.34 -15.61
N MET D 209 -7.13 7.39 -16.24
CA MET D 209 -7.94 6.39 -15.53
C MET D 209 -7.16 5.73 -14.42
N ASN D 210 -7.73 5.76 -13.22
CA ASN D 210 -7.15 5.14 -12.01
C ASN D 210 -6.08 5.90 -11.23
N PHE D 211 -5.52 6.98 -11.77
CA PHE D 211 -4.51 7.72 -10.99
C PHE D 211 -5.23 8.49 -9.89
N THR D 212 -4.50 8.93 -8.88
CA THR D 212 -5.12 9.68 -7.78
C THR D 212 -4.41 10.97 -7.44
N GLY D 213 -5.20 11.93 -6.97
CA GLY D 213 -4.66 13.23 -6.59
C GLY D 213 -5.67 14.08 -5.84
N THR D 214 -5.23 15.28 -5.47
CA THR D 214 -6.06 16.22 -4.73
C THR D 214 -6.68 17.28 -5.62
N VAL D 215 -7.96 17.58 -5.39
CA VAL D 215 -8.63 18.61 -6.17
C VAL D 215 -8.16 19.95 -5.60
N GLU D 216 -7.70 20.85 -6.46
CA GLU D 216 -7.23 22.14 -6.00
C GLU D 216 -8.19 23.28 -6.36
N GLU D 217 -9.37 22.91 -6.87
CA GLU D 217 -10.40 23.89 -7.25
C GLU D 217 -11.72 23.22 -7.67
N VAL D 218 -12.80 23.99 -7.76
CA VAL D 218 -14.09 23.42 -8.15
C VAL D 218 -14.88 24.24 -9.20
N HIS D 219 -15.74 25.15 -8.75
CA HIS D 219 -16.58 25.98 -9.63
C HIS D 219 -17.59 25.09 -10.37
N PRO D 220 -18.77 24.83 -9.75
CA PRO D 220 -19.85 23.99 -10.30
C PRO D 220 -20.37 24.33 -11.71
N GLU D 221 -21.70 24.16 -11.89
CA GLU D 221 -22.30 24.39 -13.17
C GLU D 221 -21.68 23.41 -14.15
N LYS D 222 -21.20 23.87 -15.31
CA LYS D 222 -20.57 22.98 -16.30
C LYS D 222 -19.03 23.03 -16.20
N ARG D 223 -18.49 23.60 -15.11
CA ARG D 223 -17.07 23.70 -14.87
C ARG D 223 -16.57 22.54 -14.00
N LYS D 224 -15.68 21.75 -14.59
CA LYS D 224 -15.09 20.58 -13.96
C LYS D 224 -14.40 20.82 -12.60
N LEU D 225 -13.14 20.36 -12.51
CA LEU D 225 -12.28 20.47 -11.33
C LEU D 225 -10.82 20.46 -11.76
N THR D 226 -9.95 21.03 -10.93
CA THR D 226 -8.51 21.04 -11.23
C THR D 226 -7.91 20.03 -10.25
N VAL D 227 -7.49 18.88 -10.79
CA VAL D 227 -6.94 17.80 -9.96
C VAL D 227 -5.44 17.56 -10.09
N MET D 228 -4.73 17.66 -8.97
CA MET D 228 -3.29 17.42 -8.92
C MET D 228 -3.09 15.94 -8.70
N ILE D 229 -2.86 15.19 -9.77
CA ILE D 229 -2.66 13.76 -9.67
C ILE D 229 -1.18 13.41 -9.76
N SER D 230 -0.84 12.23 -9.28
CA SER D 230 0.54 11.81 -9.34
C SER D 230 0.66 10.72 -10.39
N ILE D 231 1.44 10.96 -11.44
CA ILE D 231 1.61 9.93 -12.46
C ILE D 231 2.87 9.15 -12.12
N PHE D 232 2.72 8.02 -11.47
CA PHE D 232 3.88 7.24 -11.06
C PHE D 232 4.95 8.16 -10.50
N GLY D 233 4.51 9.08 -9.63
CA GLY D 233 5.41 10.03 -9.00
C GLY D 233 5.44 11.40 -9.64
N ARG D 234 4.74 11.55 -10.75
CA ARG D 234 4.70 12.82 -11.44
C ARG D 234 3.50 13.65 -11.10
N MET D 235 3.72 14.67 -10.25
CA MET D 235 2.67 15.58 -9.82
C MET D 235 2.23 16.35 -11.03
N THR D 236 1.03 16.05 -11.49
CA THR D 236 0.48 16.68 -12.67
C THR D 236 -0.91 17.29 -12.44
N PRO D 237 -0.99 18.61 -12.49
CA PRO D 237 -2.30 19.19 -12.29
C PRO D 237 -3.06 18.76 -13.53
N VAL D 238 -4.36 18.54 -13.40
CA VAL D 238 -5.19 18.09 -14.51
C VAL D 238 -6.64 18.50 -14.26
N GLU D 239 -7.28 19.06 -15.29
CA GLU D 239 -8.69 19.43 -15.19
C GLU D 239 -9.49 18.17 -15.47
N LEU D 240 -10.53 17.94 -14.68
CA LEU D 240 -11.38 16.76 -14.84
C LEU D 240 -12.81 17.12 -14.48
N ASP D 241 -13.77 16.68 -15.30
CA ASP D 241 -15.17 17.00 -15.03
C ASP D 241 -15.68 16.18 -13.86
N PHE D 242 -16.57 16.78 -13.07
CA PHE D 242 -17.14 16.12 -11.91
C PHE D 242 -17.46 14.64 -12.17
N ASP D 243 -16.73 13.76 -11.48
CA ASP D 243 -16.87 12.29 -11.59
C ASP D 243 -15.53 11.60 -11.27
N GLN D 244 -15.29 11.36 -9.99
CA GLN D 244 -14.06 10.70 -9.53
C GLN D 244 -14.27 9.95 -8.20
N VAL D 245 -14.72 8.68 -8.33
CA VAL D 245 -15.00 7.81 -7.18
C VAL D 245 -14.12 8.14 -5.97
C1 IPA E . -35.94 19.27 -29.16
C2 IPA E . -35.15 18.42 -30.10
C3 IPA E . -33.71 18.83 -29.83
O2 IPA E . -35.38 18.75 -31.51
C1 IPA F . -42.58 33.00 -32.63
C2 IPA F . -41.39 33.74 -33.24
C3 IPA F . -41.53 35.19 -32.76
O2 IPA F . -41.46 33.84 -34.70
#